data_1JUJ
#
_entry.id   1JUJ
#
_cell.length_a   138.140
_cell.length_b   98.140
_cell.length_c   111.970
_cell.angle_alpha   90.00
_cell.angle_beta   110.70
_cell.angle_gamma   90.00
#
_symmetry.space_group_name_H-M   'C 1 2 1'
#
loop_
_entity.id
_entity.type
_entity.pdbx_description
1 polymer 'THYMIDYLATE SYNTHASE'
2 non-polymer "2'-DEOXYURIDINE 5'-MONOPHOSPHATE"
3 non-polymer '2-{4-[2-(2-AMINO-4-OXO-4,7-DIHYDRO-3H-PYRROLO[2,3-D]PYRIMIDIN-5-YL)-ETHYL]-BENZOYLAMINO}-PENTANEDIOIC ACID'
#
_entity_poly.entity_id   1
_entity_poly.type   'polypeptide(L)'
_entity_poly.pdbx_seq_one_letter_code
;MPVAGSELPRRPLPPAAQERDAEPRPPHGELQYLGQIQHILRCGVEKDDRTGTGTLSVFGMQARYSLRDEFPLLTTKRVF
WKGVLEELLWFIKGSTNAKELSSKGVKIWDANGSRDFLDSLGFSTREEGDLGPVYGFQWRHFGAEYRDMESDYSGQGVDQ
LQRVIDTIKTNPDDRRIIMCAWNPRDLPLMALPPCHALCQFYVVNSELSCQLYQRSGDMGLGVPFNIASYALLTYMIAHI
TGLKPGDFIHTLGDAHIYLNHIEPLKIQLQREPRPFPKLRILRKVEKIDDFKAEDFQIEGYNPHPTIKMEMAV
;
_entity_poly.pdbx_strand_id   A,B,C,D
#
loop_
_chem_comp.id
_chem_comp.type
_chem_comp.name
_chem_comp.formula
LYA non-polymer '2-{4-[2-(2-AMINO-4-OXO-4,7-DIHYDRO-3H-PYRROLO[2,3-D]PYRIMIDIN-5-YL)-ETHYL]-BENZOYLAMINO}-PENTANEDIOIC ACID' 'C20 H21 N5 O6'
UMP non-polymer '2'-DEOXYURIDINE 5'-MONOPHOSPHATE' 'C9 H13 N2 O8 P'
#
# COMPACT_ATOMS: atom_id res chain seq x y z
N HIS A 28 -5.25 7.73 -15.13
CA HIS A 28 -5.57 9.17 -15.31
C HIS A 28 -5.96 9.79 -13.96
N GLY A 29 -6.11 11.11 -13.92
CA GLY A 29 -6.47 11.78 -12.68
C GLY A 29 -7.92 12.19 -12.61
N GLU A 30 -8.52 12.34 -13.78
CA GLU A 30 -9.93 12.73 -13.89
C GLU A 30 -10.86 11.61 -13.43
N LEU A 31 -10.31 10.43 -13.18
CA LEU A 31 -11.11 9.29 -12.73
C LEU A 31 -11.64 9.46 -11.31
N GLN A 32 -10.86 10.13 -10.46
CA GLN A 32 -11.27 10.38 -9.10
C GLN A 32 -12.56 11.18 -9.09
N TYR A 33 -12.58 12.27 -9.85
CA TYR A 33 -13.76 13.11 -9.96
C TYR A 33 -14.94 12.25 -10.43
N LEU A 34 -14.77 11.60 -11.59
CA LEU A 34 -15.82 10.74 -12.12
C LEU A 34 -16.36 9.83 -11.03
N GLY A 35 -15.43 9.16 -10.37
CA GLY A 35 -15.79 8.24 -9.30
C GLY A 35 -16.61 8.87 -8.19
N GLN A 36 -16.22 10.06 -7.75
CA GLN A 36 -16.95 10.73 -6.68
C GLN A 36 -18.38 10.92 -7.16
N ILE A 37 -18.54 11.13 -8.46
CA ILE A 37 -19.87 11.32 -9.03
C ILE A 37 -20.56 9.97 -9.07
N GLN A 38 -19.79 8.95 -9.41
CA GLN A 38 -20.27 7.58 -9.48
C GLN A 38 -20.80 7.14 -8.11
N HIS A 39 -20.15 7.60 -7.05
CA HIS A 39 -20.51 7.27 -5.67
C HIS A 39 -21.75 8.04 -5.23
N ILE A 40 -21.68 9.36 -5.33
CA ILE A 40 -22.81 10.18 -4.93
C ILE A 40 -24.10 9.70 -5.60
N LEU A 41 -23.97 8.89 -6.65
CA LEU A 41 -25.14 8.40 -7.34
C LEU A 41 -25.61 7.03 -6.88
N ARG A 42 -24.70 6.19 -6.38
CA ARG A 42 -25.10 4.86 -5.95
C ARG A 42 -25.14 4.67 -4.43
N CYS A 43 -24.86 5.72 -3.69
CA CYS A 43 -24.87 5.62 -2.23
C CYS A 43 -25.23 6.94 -1.54
N GLY A 44 -25.50 7.96 -2.34
CA GLY A 44 -25.87 9.25 -1.78
C GLY A 44 -27.25 9.15 -1.16
N VAL A 45 -27.75 10.22 -0.55
CA VAL A 45 -29.07 10.18 0.07
C VAL A 45 -29.89 11.38 -0.39
N GLU A 46 -31.20 11.20 -0.54
CA GLU A 46 -32.04 12.31 -0.95
C GLU A 46 -31.97 13.39 0.14
N LYS A 47 -31.91 14.66 -0.28
CA LYS A 47 -31.86 15.79 0.65
C LYS A 47 -32.56 17.02 0.07
N ASP A 48 -32.90 17.98 0.92
CA ASP A 48 -33.52 19.20 0.45
C ASP A 48 -32.49 20.33 0.54
N ASP A 49 -32.80 21.47 -0.04
CA ASP A 49 -31.86 22.59 0.01
C ASP A 49 -32.62 23.88 -0.21
N ARG A 50 -31.94 25.00 -0.02
CA ARG A 50 -32.57 26.28 -0.19
C ARG A 50 -33.22 26.53 -1.56
N THR A 51 -32.61 26.02 -2.63
CA THR A 51 -33.14 26.25 -3.98
C THR A 51 -34.49 25.62 -4.22
N GLY A 52 -34.82 24.63 -3.39
CA GLY A 52 -36.10 23.98 -3.56
C GLY A 52 -35.94 22.86 -4.57
N THR A 53 -34.79 22.85 -5.24
CA THR A 53 -34.50 21.83 -6.23
C THR A 53 -34.20 20.56 -5.41
N GLY A 54 -33.93 19.46 -6.08
CA GLY A 54 -33.61 18.26 -5.33
C GLY A 54 -32.13 18.20 -5.03
N THR A 55 -31.63 17.00 -4.71
CA THR A 55 -30.21 16.80 -4.43
C THR A 55 -29.86 15.49 -3.79
N LEU A 56 -28.82 14.83 -4.29
CA LEU A 56 -28.34 13.60 -3.69
C LEU A 56 -27.05 14.06 -3.05
N SER A 57 -26.82 13.73 -1.78
CA SER A 57 -25.60 14.19 -1.15
C SER A 57 -24.84 13.16 -0.32
N VAL A 58 -23.60 13.52 -0.01
CA VAL A 58 -22.69 12.70 0.77
C VAL A 58 -21.84 13.68 1.57
N PHE A 59 -21.43 13.30 2.77
CA PHE A 59 -20.64 14.21 3.62
C PHE A 59 -19.21 13.74 3.87
N GLY A 60 -18.23 14.59 3.56
CA GLY A 60 -16.83 14.25 3.75
C GLY A 60 -16.29 13.36 2.65
N MET A 61 -15.48 13.95 1.78
CA MET A 61 -14.88 13.24 0.66
C MET A 61 -13.54 13.91 0.41
N GLN A 62 -12.58 13.19 -0.18
CA GLN A 62 -11.26 13.76 -0.45
C GLN A 62 -10.55 13.20 -1.69
N ALA A 63 -10.20 14.08 -2.61
CA ALA A 63 -9.51 13.68 -3.83
C ALA A 63 -8.19 14.43 -3.90
N ARG A 64 -7.23 13.89 -4.64
CA ARG A 64 -5.91 14.51 -4.77
C ARG A 64 -5.43 14.56 -6.22
N TYR A 65 -5.32 15.76 -6.78
CA TYR A 65 -4.86 15.90 -8.15
C TYR A 65 -3.39 16.35 -8.21
N SER A 66 -2.61 15.71 -9.08
CA SER A 66 -1.19 16.05 -9.25
C SER A 66 -1.01 17.23 -10.18
N LEU A 67 -0.23 18.23 -9.77
CA LEU A 67 -0.02 19.40 -10.62
C LEU A 67 1.31 19.40 -11.38
N ARG A 68 2.08 18.32 -11.25
CA ARG A 68 3.39 18.21 -11.92
C ARG A 68 3.29 17.92 -13.40
N ASP A 69 3.52 18.94 -14.21
CA ASP A 69 3.47 18.82 -15.66
C ASP A 69 2.09 18.43 -16.19
N GLU A 70 1.08 19.18 -15.75
CA GLU A 70 -0.30 18.99 -16.18
C GLU A 70 -1.26 19.84 -15.36
N PHE A 71 -2.37 20.22 -15.98
CA PHE A 71 -3.38 21.08 -15.39
C PHE A 71 -4.70 20.33 -15.33
N PRO A 72 -5.34 20.31 -14.16
CA PRO A 72 -6.62 19.60 -14.00
C PRO A 72 -7.84 20.25 -14.65
N LEU A 73 -7.83 20.34 -15.97
CA LEU A 73 -8.97 20.91 -16.68
C LEU A 73 -9.74 19.74 -17.29
N LEU A 74 -10.81 19.32 -16.62
CA LEU A 74 -11.64 18.18 -17.06
C LEU A 74 -11.73 17.99 -18.57
N THR A 75 -11.82 16.75 -19.02
CA THR A 75 -11.87 16.47 -20.46
C THR A 75 -13.15 15.80 -20.93
N THR A 76 -13.80 15.05 -20.04
CA THR A 76 -15.04 14.35 -20.40
C THR A 76 -16.17 15.33 -20.65
N LYS A 77 -15.82 16.61 -20.56
CA LYS A 77 -16.76 17.71 -20.77
C LYS A 77 -15.87 18.92 -21.10
N ARG A 78 -16.45 19.93 -21.73
CA ARG A 78 -15.68 21.13 -22.08
C ARG A 78 -15.87 22.17 -21.00
N VAL A 79 -14.77 22.60 -20.39
CA VAL A 79 -14.86 23.58 -19.34
C VAL A 79 -14.60 24.99 -19.86
N PHE A 80 -15.40 25.93 -19.39
CA PHE A 80 -15.28 27.34 -19.79
C PHE A 80 -14.02 27.94 -19.17
N TRP A 81 -12.86 27.52 -19.66
CA TRP A 81 -11.60 28.02 -19.13
C TRP A 81 -11.51 29.56 -19.08
N LYS A 82 -12.19 30.22 -20.00
CA LYS A 82 -12.18 31.68 -20.03
C LYS A 82 -12.71 32.24 -18.71
N GLY A 83 -13.86 31.73 -18.27
CA GLY A 83 -14.49 32.17 -17.03
C GLY A 83 -13.64 31.82 -15.82
N VAL A 84 -13.04 30.65 -15.87
CA VAL A 84 -12.16 30.22 -14.80
C VAL A 84 -11.11 31.31 -14.60
N LEU A 85 -10.27 31.51 -15.62
CA LEU A 85 -9.20 32.50 -15.56
C LEU A 85 -9.67 33.92 -15.21
N GLU A 86 -10.77 34.35 -15.81
CA GLU A 86 -11.27 35.70 -15.52
C GLU A 86 -11.70 35.88 -14.06
N GLU A 87 -12.38 34.86 -13.53
CA GLU A 87 -12.86 34.90 -12.15
C GLU A 87 -11.71 35.03 -11.16
N LEU A 88 -10.65 34.23 -11.34
CA LEU A 88 -9.50 34.28 -10.44
C LEU A 88 -8.84 35.64 -10.52
N LEU A 89 -8.69 36.15 -11.74
CA LEU A 89 -8.11 37.46 -11.89
C LEU A 89 -9.01 38.44 -11.17
N TRP A 90 -10.32 38.21 -11.29
CA TRP A 90 -11.34 39.03 -10.65
C TRP A 90 -11.22 39.02 -9.10
N PHE A 91 -10.93 37.84 -8.53
CA PHE A 91 -10.76 37.68 -7.07
C PHE A 91 -9.53 38.43 -6.55
N ILE A 92 -8.37 38.14 -7.13
CA ILE A 92 -7.12 38.78 -6.74
C ILE A 92 -7.29 40.29 -6.70
N LYS A 93 -8.11 40.78 -7.62
CA LYS A 93 -8.39 42.21 -7.73
C LYS A 93 -9.08 42.73 -6.46
N GLY A 94 -9.85 41.87 -5.81
CA GLY A 94 -10.56 42.25 -4.59
C GLY A 94 -11.93 42.85 -4.89
N SER A 95 -12.34 42.70 -6.14
CA SER A 95 -13.63 43.22 -6.60
C SER A 95 -14.81 42.44 -6.06
N THR A 96 -15.97 43.10 -6.05
CA THR A 96 -17.18 42.47 -5.60
C THR A 96 -18.36 42.79 -6.55
N ASN A 97 -18.12 43.62 -7.58
CA ASN A 97 -19.17 43.99 -8.56
C ASN A 97 -19.35 42.87 -9.58
N ALA A 98 -20.42 42.12 -9.46
CA ALA A 98 -20.66 41.04 -10.40
C ALA A 98 -20.77 41.63 -11.79
N LYS A 99 -20.81 42.96 -11.86
CA LYS A 99 -20.89 43.61 -13.14
C LYS A 99 -19.51 43.58 -13.80
N GLU A 100 -18.47 43.96 -13.06
CA GLU A 100 -17.11 43.97 -13.61
C GLU A 100 -16.75 42.70 -14.35
N LEU A 101 -16.98 41.56 -13.74
CA LEU A 101 -16.66 40.29 -14.39
C LEU A 101 -17.57 40.09 -15.59
N SER A 102 -18.76 40.64 -15.52
CA SER A 102 -19.72 40.51 -16.62
C SER A 102 -19.20 41.29 -17.81
N SER A 103 -18.56 42.42 -17.52
CA SER A 103 -17.99 43.28 -18.55
C SER A 103 -16.99 42.52 -19.42
N LYS A 104 -16.26 41.60 -18.80
CA LYS A 104 -15.27 40.81 -19.54
C LYS A 104 -15.92 39.67 -20.30
N GLY A 105 -17.19 39.41 -20.00
CA GLY A 105 -17.90 38.34 -20.69
C GLY A 105 -18.04 37.06 -19.88
N VAL A 106 -18.02 37.18 -18.56
CA VAL A 106 -18.16 36.05 -17.67
C VAL A 106 -19.39 36.30 -16.81
N LYS A 107 -20.51 35.71 -17.21
CA LYS A 107 -21.78 35.89 -16.52
C LYS A 107 -21.99 35.06 -15.25
N ILE A 108 -21.15 34.06 -15.04
CA ILE A 108 -21.28 33.17 -13.89
C ILE A 108 -21.73 33.76 -12.56
N TRP A 109 -21.55 35.06 -12.34
CA TRP A 109 -21.97 35.61 -11.06
C TRP A 109 -23.09 36.64 -11.14
N ASP A 110 -23.67 36.83 -12.31
CA ASP A 110 -24.75 37.82 -12.46
C ASP A 110 -26.06 37.39 -11.78
N ALA A 111 -26.21 36.08 -11.62
CA ALA A 111 -27.40 35.50 -11.00
C ALA A 111 -27.63 35.93 -9.54
N ASN A 112 -26.63 35.78 -8.69
CA ASN A 112 -26.77 36.12 -7.28
C ASN A 112 -26.49 37.59 -6.99
N GLY A 113 -26.41 38.37 -8.06
CA GLY A 113 -26.16 39.80 -7.91
C GLY A 113 -27.35 40.55 -8.45
N SER A 114 -28.22 39.82 -9.14
CA SER A 114 -29.42 40.37 -9.75
C SER A 114 -30.27 41.17 -8.78
N ARG A 115 -31.14 42.01 -9.32
CA ARG A 115 -32.02 42.84 -8.52
C ARG A 115 -33.00 41.99 -7.70
N ASP A 116 -33.54 40.95 -8.31
CA ASP A 116 -34.49 40.08 -7.63
C ASP A 116 -33.84 39.34 -6.48
N PHE A 117 -32.81 38.56 -6.80
CA PHE A 117 -32.09 37.78 -5.81
C PHE A 117 -31.63 38.63 -4.63
N LEU A 118 -31.20 39.85 -4.92
CA LEU A 118 -30.72 40.72 -3.85
C LEU A 118 -31.86 41.25 -2.98
N ASP A 119 -33.02 41.52 -3.58
CA ASP A 119 -34.15 42.03 -2.80
C ASP A 119 -34.74 40.96 -1.88
N SER A 120 -34.66 39.71 -2.32
CA SER A 120 -35.19 38.59 -1.53
C SER A 120 -34.43 38.34 -0.23
N LEU A 121 -33.28 39.00 -0.07
CA LEU A 121 -32.49 38.83 1.14
C LEU A 121 -32.54 40.11 1.95
N GLY A 122 -33.40 41.04 1.52
CA GLY A 122 -33.52 42.29 2.24
C GLY A 122 -32.43 43.28 1.93
N PHE A 123 -31.77 43.12 0.78
CA PHE A 123 -30.71 44.02 0.36
C PHE A 123 -31.27 45.01 -0.67
N SER A 124 -32.55 45.31 -0.52
CA SER A 124 -33.27 46.20 -1.43
C SER A 124 -32.73 47.63 -1.58
N THR A 125 -31.65 47.97 -0.90
CA THR A 125 -31.08 49.31 -1.04
C THR A 125 -29.70 49.26 -1.67
N ARG A 126 -29.34 48.09 -2.19
CA ARG A 126 -28.04 47.89 -2.85
C ARG A 126 -28.24 48.02 -4.35
N GLU A 127 -27.17 48.35 -5.06
CA GLU A 127 -27.23 48.47 -6.50
C GLU A 127 -26.84 47.12 -7.08
N GLU A 128 -27.53 46.70 -8.14
CA GLU A 128 -27.27 45.42 -8.78
C GLU A 128 -25.80 45.11 -8.85
N GLY A 129 -25.45 43.83 -8.71
CA GLY A 129 -24.07 43.42 -8.80
C GLY A 129 -23.22 43.52 -7.54
N ASP A 130 -23.79 43.95 -6.42
CA ASP A 130 -23.01 44.05 -5.20
C ASP A 130 -23.14 42.79 -4.34
N LEU A 131 -22.29 41.82 -4.62
CA LEU A 131 -22.25 40.54 -3.93
C LEU A 131 -21.99 40.66 -2.45
N GLY A 132 -21.37 41.76 -2.03
CA GLY A 132 -21.09 41.93 -0.62
C GLY A 132 -19.72 41.41 -0.23
N PRO A 133 -19.33 41.52 1.06
CA PRO A 133 -18.03 41.07 1.56
C PRO A 133 -17.72 39.61 1.28
N VAL A 134 -17.50 39.29 0.00
CA VAL A 134 -17.18 37.93 -0.42
C VAL A 134 -15.74 37.75 -0.91
N TYR A 135 -15.42 36.53 -1.29
CA TYR A 135 -14.08 36.15 -1.77
C TYR A 135 -13.03 37.24 -1.82
N GLY A 136 -12.98 37.97 -2.93
CA GLY A 136 -11.98 39.02 -3.09
C GLY A 136 -11.73 39.90 -1.87
N PHE A 137 -12.81 40.47 -1.34
CA PHE A 137 -12.75 41.36 -0.19
C PHE A 137 -12.19 40.70 1.05
N GLN A 138 -12.48 39.42 1.23
CA GLN A 138 -11.99 38.68 2.39
C GLN A 138 -10.50 38.39 2.23
N TRP A 139 -10.11 37.92 1.05
CA TRP A 139 -8.72 37.59 0.75
C TRP A 139 -7.75 38.75 1.00
N ARG A 140 -8.15 39.97 0.61
CA ARG A 140 -7.30 41.15 0.75
C ARG A 140 -7.61 42.12 1.86
N HIS A 141 -8.86 42.22 2.29
CA HIS A 141 -9.22 43.17 3.34
C HIS A 141 -10.05 42.54 4.45
N PHE A 142 -9.60 41.40 4.98
CA PHE A 142 -10.35 40.69 6.02
C PHE A 142 -10.88 41.59 7.14
N GLY A 143 -10.00 42.17 7.93
CA GLY A 143 -10.49 43.02 9.00
C GLY A 143 -11.55 44.03 8.56
N ALA A 144 -11.21 44.78 7.51
CA ALA A 144 -12.06 45.84 6.94
C ALA A 144 -13.56 45.82 7.22
N GLU A 145 -14.12 47.03 7.39
CA GLU A 145 -15.55 47.19 7.62
C GLU A 145 -16.19 47.50 6.28
N TYR A 146 -16.91 46.52 5.73
CA TYR A 146 -17.56 46.69 4.43
C TYR A 146 -18.65 47.74 4.45
N ARG A 147 -18.99 48.20 3.24
CA ARG A 147 -20.01 49.21 3.05
C ARG A 147 -19.98 49.65 1.61
N ASP A 148 -20.78 49.02 0.76
CA ASP A 148 -20.85 49.38 -0.66
C ASP A 148 -19.72 48.79 -1.51
N MET A 149 -20.09 48.26 -2.67
CA MET A 149 -19.16 47.62 -3.60
C MET A 149 -18.19 48.53 -4.34
N GLU A 150 -18.26 49.84 -4.10
CA GLU A 150 -17.35 50.73 -4.81
C GLU A 150 -16.57 51.68 -3.92
N SER A 151 -16.38 51.30 -2.66
CA SER A 151 -15.62 52.13 -1.73
C SER A 151 -14.17 51.73 -1.82
N ASP A 152 -13.28 52.62 -1.38
CA ASP A 152 -11.85 52.36 -1.41
C ASP A 152 -11.43 51.66 -0.12
N TYR A 153 -11.02 50.40 -0.24
CA TYR A 153 -10.62 49.60 0.91
C TYR A 153 -9.11 49.37 0.99
N SER A 154 -8.36 50.13 0.20
CA SER A 154 -6.90 49.98 0.19
C SER A 154 -6.32 50.37 1.54
N GLY A 155 -5.26 49.69 1.93
CA GLY A 155 -4.60 50.01 3.19
C GLY A 155 -5.27 49.49 4.45
N GLN A 156 -6.60 49.35 4.43
CA GLN A 156 -7.30 48.83 5.59
C GLN A 156 -7.63 47.35 5.40
N GLY A 157 -7.77 46.63 6.50
CA GLY A 157 -8.06 45.21 6.42
C GLY A 157 -6.75 44.46 6.43
N VAL A 158 -6.81 43.13 6.41
CA VAL A 158 -5.58 42.33 6.42
C VAL A 158 -5.49 41.46 5.15
N ASP A 159 -4.41 41.63 4.41
CA ASP A 159 -4.18 40.91 3.14
C ASP A 159 -3.60 39.51 3.32
N GLN A 160 -4.48 38.51 3.31
CA GLN A 160 -4.04 37.14 3.47
C GLN A 160 -3.22 36.65 2.28
N LEU A 161 -3.71 36.94 1.08
CA LEU A 161 -3.05 36.53 -0.15
C LEU A 161 -1.58 36.90 -0.15
N GLN A 162 -1.27 38.13 0.22
CA GLN A 162 0.11 38.56 0.24
C GLN A 162 0.87 37.93 1.40
N ARG A 163 0.27 37.97 2.60
CA ARG A 163 0.89 37.39 3.80
C ARG A 163 1.39 35.99 3.48
N VAL A 164 0.57 35.24 2.76
CA VAL A 164 0.87 33.86 2.36
C VAL A 164 2.11 33.76 1.49
N ILE A 165 2.20 34.65 0.51
CA ILE A 165 3.31 34.70 -0.44
C ILE A 165 4.66 34.96 0.23
N ASP A 166 4.69 35.96 1.09
CA ASP A 166 5.92 36.32 1.80
C ASP A 166 6.39 35.20 2.71
N THR A 167 5.46 34.43 3.25
CA THR A 167 5.85 33.36 4.13
C THR A 167 6.54 32.27 3.33
N ILE A 168 5.95 31.89 2.20
CA ILE A 168 6.53 30.85 1.35
C ILE A 168 7.95 31.23 1.01
N LYS A 169 8.15 32.52 0.76
CA LYS A 169 9.47 33.04 0.42
C LYS A 169 10.45 33.01 1.58
N THR A 170 10.07 33.56 2.73
CA THR A 170 10.97 33.59 3.87
C THR A 170 11.01 32.35 4.74
N ASN A 171 9.84 31.83 5.12
CA ASN A 171 9.78 30.66 5.98
C ASN A 171 8.83 29.58 5.47
N PRO A 172 9.34 28.72 4.58
CA PRO A 172 8.68 27.59 3.91
C PRO A 172 8.09 26.49 4.81
N ASP A 173 8.72 26.24 5.94
CA ASP A 173 8.26 25.18 6.82
C ASP A 173 7.05 25.52 7.68
N ASP A 174 6.70 26.80 7.74
CA ASP A 174 5.55 27.25 8.53
C ASP A 174 4.32 26.37 8.33
N ARG A 175 3.63 26.04 9.41
CA ARG A 175 2.42 25.21 9.30
C ARG A 175 1.17 26.07 9.52
N ARG A 176 1.29 27.36 9.20
CA ARG A 176 0.17 28.29 9.36
C ARG A 176 -0.10 29.12 8.09
N ILE A 177 0.34 28.63 6.92
CA ILE A 177 0.10 29.35 5.67
C ILE A 177 -1.35 29.14 5.26
N ILE A 178 -2.25 29.85 5.92
CA ILE A 178 -3.66 29.70 5.66
C ILE A 178 -4.30 30.98 5.14
N MET A 179 -5.24 30.82 4.21
CA MET A 179 -5.99 31.93 3.65
C MET A 179 -7.43 31.51 3.93
N CYS A 180 -8.14 32.31 4.71
CA CYS A 180 -9.51 31.99 5.08
C CYS A 180 -10.57 32.99 4.63
N ALA A 181 -11.59 32.50 3.95
CA ALA A 181 -12.67 33.35 3.45
C ALA A 181 -13.87 33.42 4.42
N TRP A 182 -14.04 32.39 5.22
CA TRP A 182 -15.14 32.34 6.18
C TRP A 182 -14.93 33.36 7.29
N ASN A 183 -15.75 34.39 7.29
CA ASN A 183 -15.67 35.43 8.28
C ASN A 183 -17.02 35.61 8.96
N PRO A 184 -17.29 34.84 10.03
CA PRO A 184 -18.55 34.90 10.78
C PRO A 184 -19.23 36.25 10.91
N ARG A 185 -18.48 37.27 11.26
CA ARG A 185 -19.03 38.61 11.42
C ARG A 185 -19.80 39.11 10.19
N ASP A 186 -19.27 38.82 9.00
CA ASP A 186 -19.87 39.31 7.74
C ASP A 186 -20.90 38.43 7.02
N LEU A 187 -21.03 37.16 7.42
CA LEU A 187 -21.99 36.24 6.80
C LEU A 187 -23.32 36.83 6.36
N PRO A 188 -23.98 37.61 7.25
CA PRO A 188 -25.27 38.23 6.96
C PRO A 188 -25.29 39.26 5.84
N LEU A 189 -24.13 39.71 5.41
CA LEU A 189 -24.04 40.71 4.36
C LEU A 189 -23.76 40.07 3.01
N MET A 190 -23.27 38.83 3.04
CA MET A 190 -22.94 38.10 1.83
C MET A 190 -24.21 37.62 1.11
N ALA A 191 -24.25 37.82 -0.20
CA ALA A 191 -25.38 37.39 -1.00
C ALA A 191 -25.32 35.89 -1.21
N LEU A 192 -24.17 35.29 -0.93
CA LEU A 192 -23.99 33.86 -1.13
C LEU A 192 -22.61 33.50 -0.57
N PRO A 193 -22.55 32.97 0.66
CA PRO A 193 -21.34 32.56 1.37
C PRO A 193 -20.29 31.80 0.57
N PRO A 194 -19.03 31.86 1.06
CA PRO A 194 -17.90 31.19 0.42
C PRO A 194 -18.07 29.68 0.40
N CYS A 195 -18.14 29.09 -0.79
CA CYS A 195 -18.26 27.64 -0.88
C CYS A 195 -16.86 27.08 -0.62
N HIS A 196 -15.85 27.76 -1.17
CA HIS A 196 -14.46 27.40 -0.92
C HIS A 196 -14.15 28.37 0.21
N ALA A 197 -14.13 27.81 1.42
CA ALA A 197 -13.95 28.58 2.63
C ALA A 197 -12.55 28.71 3.18
N LEU A 198 -11.68 27.75 2.89
CA LEU A 198 -10.35 27.87 3.44
C LEU A 198 -9.35 27.00 2.68
N CYS A 199 -8.16 27.50 2.48
CA CYS A 199 -7.12 26.74 1.79
C CYS A 199 -5.80 26.95 2.51
N GLN A 200 -4.92 25.94 2.41
CA GLN A 200 -3.63 26.00 3.08
C GLN A 200 -2.53 25.46 2.17
N PHE A 201 -1.37 26.11 2.24
CA PHE A 201 -0.23 25.73 1.41
C PHE A 201 0.85 25.08 2.25
N TYR A 202 1.57 24.17 1.61
CA TYR A 202 2.62 23.41 2.25
C TYR A 202 3.74 23.25 1.22
N VAL A 203 4.99 23.45 1.63
CA VAL A 203 6.13 23.32 0.72
C VAL A 203 7.16 22.33 1.23
N VAL A 204 7.57 21.43 0.33
CA VAL A 204 8.57 20.43 0.66
C VAL A 204 9.41 20.22 -0.59
N ASN A 205 10.73 20.19 -0.41
CA ASN A 205 11.65 19.98 -1.52
C ASN A 205 11.24 20.68 -2.81
N SER A 206 11.52 21.98 -2.88
CA SER A 206 11.23 22.80 -4.05
C SER A 206 9.78 22.84 -4.59
N GLU A 207 8.90 21.93 -4.16
CA GLU A 207 7.52 21.99 -4.66
C GLU A 207 6.47 22.48 -3.67
N LEU A 208 5.54 23.28 -4.20
CA LEU A 208 4.43 23.91 -3.46
C LEU A 208 3.11 23.20 -3.71
N SER A 209 2.46 22.78 -2.63
CA SER A 209 1.17 22.10 -2.69
C SER A 209 0.09 22.94 -2.02
N CYS A 210 -1.16 22.63 -2.32
CA CYS A 210 -2.27 23.37 -1.74
C CYS A 210 -3.52 22.51 -1.49
N GLN A 211 -4.10 22.64 -0.29
CA GLN A 211 -5.32 21.90 0.04
C GLN A 211 -6.49 22.85 0.23
N LEU A 212 -7.66 22.41 -0.22
CA LEU A 212 -8.88 23.20 -0.13
C LEU A 212 -10.01 22.51 0.64
N TYR A 213 -10.71 23.30 1.44
CA TYR A 213 -11.85 22.81 2.18
C TYR A 213 -13.06 23.51 1.58
N GLN A 214 -13.87 22.74 0.87
CA GLN A 214 -15.07 23.27 0.23
C GLN A 214 -16.32 22.74 0.96
N ARG A 215 -16.86 23.57 1.86
CA ARG A 215 -18.02 23.20 2.65
C ARG A 215 -19.17 22.73 1.79
N SER A 216 -19.32 23.32 0.61
CA SER A 216 -20.41 22.96 -0.28
C SER A 216 -19.94 22.79 -1.73
N GLY A 217 -20.32 21.68 -2.35
CA GLY A 217 -19.91 21.44 -3.72
C GLY A 217 -20.96 20.97 -4.72
N ASP A 218 -21.24 21.82 -5.72
CA ASP A 218 -22.17 21.48 -6.79
C ASP A 218 -21.34 20.69 -7.79
N MET A 219 -21.35 19.36 -7.60
CA MET A 219 -20.59 18.42 -8.42
C MET A 219 -20.67 18.57 -9.94
N GLY A 220 -21.75 19.15 -10.44
CA GLY A 220 -21.92 19.29 -11.88
C GLY A 220 -21.47 20.61 -12.48
N LEU A 221 -21.63 21.70 -11.73
CA LEU A 221 -21.24 23.01 -12.25
C LEU A 221 -19.98 23.59 -11.62
N GLY A 222 -20.10 24.01 -10.37
CA GLY A 222 -18.99 24.65 -9.69
C GLY A 222 -17.71 23.88 -9.41
N VAL A 223 -17.83 22.64 -8.98
CA VAL A 223 -16.63 21.86 -8.66
C VAL A 223 -15.62 21.86 -9.81
N PRO A 224 -16.00 21.38 -10.99
CA PRO A 224 -15.06 21.36 -12.10
C PRO A 224 -14.35 22.69 -12.25
N PHE A 225 -15.13 23.77 -12.12
CA PHE A 225 -14.61 25.14 -12.21
C PHE A 225 -13.66 25.41 -11.04
N ASN A 226 -14.03 24.92 -9.86
CA ASN A 226 -13.24 25.15 -8.67
C ASN A 226 -11.89 24.46 -8.68
N ILE A 227 -11.86 23.23 -9.17
CA ILE A 227 -10.61 22.48 -9.21
C ILE A 227 -9.57 23.18 -10.06
N ALA A 228 -10.03 23.76 -11.16
CA ALA A 228 -9.14 24.48 -12.08
C ALA A 228 -8.68 25.81 -11.50
N SER A 229 -9.57 26.48 -10.76
CA SER A 229 -9.25 27.78 -10.18
C SER A 229 -8.16 27.69 -9.15
N TYR A 230 -8.15 26.63 -8.35
CA TYR A 230 -7.11 26.49 -7.34
C TYR A 230 -5.80 25.95 -7.88
N ALA A 231 -5.88 25.13 -8.92
CA ALA A 231 -4.68 24.61 -9.55
C ALA A 231 -3.98 25.82 -10.21
N LEU A 232 -4.76 26.69 -10.83
CA LEU A 232 -4.21 27.90 -11.46
C LEU A 232 -3.54 28.77 -10.40
N LEU A 233 -4.26 29.09 -9.32
CA LEU A 233 -3.71 29.92 -8.24
C LEU A 233 -2.39 29.34 -7.73
N THR A 234 -2.33 28.02 -7.61
CA THR A 234 -1.11 27.38 -7.16
C THR A 234 0.00 27.70 -8.19
N TYR A 235 -0.25 27.44 -9.48
CA TYR A 235 0.73 27.74 -10.52
C TYR A 235 1.24 29.17 -10.42
N MET A 236 0.32 30.12 -10.28
CA MET A 236 0.68 31.53 -10.17
C MET A 236 1.60 31.78 -8.98
N ILE A 237 1.23 31.25 -7.82
CA ILE A 237 2.05 31.40 -6.62
C ILE A 237 3.44 30.78 -6.81
N ALA A 238 3.47 29.55 -7.29
CA ALA A 238 4.72 28.83 -7.50
C ALA A 238 5.71 29.58 -8.37
N HIS A 239 5.17 30.29 -9.36
CA HIS A 239 5.94 31.06 -10.33
C HIS A 239 6.63 32.28 -9.72
N ILE A 240 5.89 33.03 -8.90
CA ILE A 240 6.39 34.22 -8.24
C ILE A 240 7.37 33.92 -7.11
N THR A 241 7.27 32.72 -6.56
CA THR A 241 8.12 32.31 -5.47
C THR A 241 9.22 31.39 -5.98
N GLY A 242 9.13 31.03 -7.25
CA GLY A 242 10.13 30.18 -7.86
C GLY A 242 10.13 28.75 -7.39
N LEU A 243 8.97 28.13 -7.36
CA LEU A 243 8.88 26.74 -6.94
C LEU A 243 8.18 25.95 -8.02
N LYS A 244 8.14 24.63 -7.85
CA LYS A 244 7.47 23.75 -8.80
C LYS A 244 6.13 23.27 -8.21
N PRO A 245 5.01 23.48 -8.90
CA PRO A 245 3.72 23.04 -8.37
C PRO A 245 3.70 21.55 -8.00
N GLY A 246 3.09 21.23 -6.85
CA GLY A 246 3.02 19.84 -6.42
C GLY A 246 1.65 19.18 -6.52
N ASP A 247 0.93 19.13 -5.40
CA ASP A 247 -0.40 18.52 -5.36
C ASP A 247 -1.50 19.48 -4.95
N PHE A 248 -2.70 19.24 -5.48
CA PHE A 248 -3.89 20.03 -5.14
C PHE A 248 -4.81 19.06 -4.45
N ILE A 249 -4.99 19.22 -3.14
CA ILE A 249 -5.85 18.32 -2.42
C ILE A 249 -7.22 18.95 -2.21
N HIS A 250 -8.26 18.25 -2.67
CA HIS A 250 -9.63 18.75 -2.60
C HIS A 250 -10.49 18.04 -1.55
N THR A 251 -10.86 18.75 -0.49
CA THR A 251 -11.67 18.15 0.56
C THR A 251 -13.09 18.69 0.57
N LEU A 252 -14.07 17.80 0.37
CA LEU A 252 -15.47 18.21 0.34
C LEU A 252 -16.21 18.04 1.63
N GLY A 253 -17.28 18.82 1.74
CA GLY A 253 -18.17 18.74 2.89
C GLY A 253 -19.45 18.12 2.34
N ASP A 254 -20.43 18.95 2.01
CA ASP A 254 -21.68 18.45 1.44
C ASP A 254 -21.48 18.40 -0.07
N ALA A 255 -21.00 17.26 -0.55
CA ALA A 255 -20.81 17.08 -1.98
C ALA A 255 -22.12 16.56 -2.55
N HIS A 256 -22.88 17.41 -3.20
CA HIS A 256 -24.15 16.99 -3.75
C HIS A 256 -24.25 16.98 -5.27
N ILE A 257 -25.39 16.53 -5.77
CA ILE A 257 -25.66 16.49 -7.20
C ILE A 257 -27.11 16.89 -7.33
N TYR A 258 -27.38 18.08 -7.86
CA TYR A 258 -28.76 18.46 -8.01
C TYR A 258 -29.46 17.42 -8.89
N LEU A 259 -30.69 17.06 -8.52
CA LEU A 259 -31.48 16.05 -9.22
C LEU A 259 -31.64 16.21 -10.72
N ASN A 260 -31.71 17.46 -11.19
CA ASN A 260 -31.87 17.76 -12.60
C ASN A 260 -30.51 17.70 -13.33
N HIS A 261 -29.53 17.10 -12.66
CA HIS A 261 -28.20 16.97 -13.23
C HIS A 261 -27.88 15.50 -13.46
N ILE A 262 -28.70 14.63 -12.88
CA ILE A 262 -28.49 13.18 -12.98
C ILE A 262 -28.37 12.60 -14.39
N GLU A 263 -29.30 12.96 -15.28
CA GLU A 263 -29.26 12.46 -16.65
C GLU A 263 -27.96 12.89 -17.30
N PRO A 264 -27.67 14.21 -17.31
CA PRO A 264 -26.45 14.72 -17.90
C PRO A 264 -25.18 14.03 -17.39
N LEU A 265 -24.93 14.13 -16.08
CA LEU A 265 -23.74 13.51 -15.50
C LEU A 265 -23.62 12.03 -15.87
N LYS A 266 -24.76 11.39 -16.05
CA LYS A 266 -24.82 9.97 -16.39
C LYS A 266 -24.25 9.70 -17.77
N ILE A 267 -24.25 10.71 -18.62
CA ILE A 267 -23.70 10.60 -19.97
C ILE A 267 -22.19 10.79 -19.81
N GLN A 268 -21.83 11.96 -19.27
CA GLN A 268 -20.43 12.33 -19.05
C GLN A 268 -19.66 11.18 -18.40
N LEU A 269 -20.36 10.34 -17.64
CA LEU A 269 -19.72 9.22 -16.96
C LEU A 269 -19.33 8.11 -17.92
N GLN A 270 -19.90 8.14 -19.12
CA GLN A 270 -19.58 7.11 -20.09
C GLN A 270 -18.59 7.57 -21.14
N ARG A 271 -17.89 8.65 -20.85
CA ARG A 271 -16.91 9.20 -21.78
C ARG A 271 -15.46 8.85 -21.39
N GLU A 272 -14.63 8.54 -22.39
CA GLU A 272 -13.21 8.20 -22.15
C GLU A 272 -12.43 9.49 -21.91
N PRO A 273 -11.55 9.51 -20.90
CA PRO A 273 -10.78 10.72 -20.64
C PRO A 273 -9.48 10.78 -21.44
N ARG A 274 -9.22 11.94 -22.02
CA ARG A 274 -8.00 12.17 -22.79
C ARG A 274 -7.03 12.83 -21.83
N PRO A 275 -5.75 12.92 -22.21
CA PRO A 275 -4.72 13.54 -21.37
C PRO A 275 -5.02 14.96 -20.91
N PHE A 276 -4.71 15.24 -19.64
CA PHE A 276 -4.94 16.57 -19.11
C PHE A 276 -4.05 17.51 -19.92
N PRO A 277 -4.52 18.74 -20.17
CA PRO A 277 -3.73 19.71 -20.93
C PRO A 277 -2.50 20.18 -20.19
N LYS A 278 -1.82 21.17 -20.76
CA LYS A 278 -0.65 21.76 -20.13
C LYS A 278 -0.86 23.25 -20.18
N LEU A 279 -0.48 23.94 -19.12
CA LEU A 279 -0.66 25.38 -19.06
C LEU A 279 0.68 26.09 -18.99
N ARG A 280 0.86 27.15 -19.78
CA ARG A 280 2.11 27.89 -19.76
C ARG A 280 1.95 29.36 -19.42
N ILE A 281 2.98 29.91 -18.78
CA ILE A 281 2.99 31.33 -18.43
C ILE A 281 4.10 31.91 -19.29
N LEU A 282 3.71 32.63 -20.33
CA LEU A 282 4.65 33.21 -21.28
C LEU A 282 5.11 34.62 -20.96
N ARG A 283 5.86 34.75 -19.86
CA ARG A 283 6.39 36.03 -19.42
C ARG A 283 6.55 36.02 -17.91
N LYS A 284 7.79 36.17 -17.42
CA LYS A 284 8.05 36.17 -15.98
C LYS A 284 7.50 37.38 -15.26
N VAL A 285 6.64 37.14 -14.27
CA VAL A 285 6.04 38.19 -13.47
C VAL A 285 6.41 38.01 -12.01
N GLU A 286 6.65 39.12 -11.30
CA GLU A 286 7.04 39.03 -9.89
C GLU A 286 6.08 39.65 -8.87
N LYS A 287 4.90 40.02 -9.31
CA LYS A 287 3.88 40.58 -8.43
C LYS A 287 2.60 39.89 -8.84
N ILE A 288 1.88 39.30 -7.89
CA ILE A 288 0.65 38.58 -8.22
C ILE A 288 -0.41 39.49 -8.84
N ASP A 289 -0.21 40.80 -8.75
CA ASP A 289 -1.14 41.75 -9.32
C ASP A 289 -0.79 42.17 -10.76
N ASP A 290 0.41 41.80 -11.22
CA ASP A 290 0.85 42.14 -12.57
C ASP A 290 0.28 41.20 -13.61
N PHE A 291 -0.26 40.08 -13.16
CA PHE A 291 -0.83 39.10 -14.08
C PHE A 291 -1.95 39.65 -14.94
N LYS A 292 -1.91 39.30 -16.22
CA LYS A 292 -2.92 39.71 -17.19
C LYS A 292 -3.41 38.41 -17.85
N ALA A 293 -4.61 38.43 -18.40
CA ALA A 293 -5.14 37.23 -19.05
C ALA A 293 -4.24 36.70 -20.17
N GLU A 294 -3.47 37.58 -20.82
CA GLU A 294 -2.60 37.18 -21.91
C GLU A 294 -1.33 36.46 -21.49
N ASP A 295 -1.05 36.45 -20.19
CA ASP A 295 0.13 35.77 -19.69
C ASP A 295 -0.06 34.26 -19.63
N PHE A 296 -1.30 33.80 -19.73
CA PHE A 296 -1.58 32.37 -19.67
C PHE A 296 -2.11 31.80 -20.96
N GLN A 297 -1.66 30.58 -21.27
CA GLN A 297 -2.07 29.89 -22.48
C GLN A 297 -2.10 28.38 -22.22
N ILE A 298 -3.13 27.71 -22.73
CA ILE A 298 -3.23 26.29 -22.53
C ILE A 298 -2.87 25.53 -23.80
N GLU A 299 -2.29 24.34 -23.63
CA GLU A 299 -1.88 23.52 -24.76
C GLU A 299 -2.31 22.07 -24.60
N GLY A 300 -2.89 21.48 -25.65
CA GLY A 300 -3.29 20.09 -25.60
C GLY A 300 -4.67 19.75 -25.07
N TYR A 301 -5.60 20.70 -25.19
CA TYR A 301 -6.96 20.50 -24.71
C TYR A 301 -7.88 19.92 -25.79
N ASN A 302 -8.15 18.62 -25.69
CA ASN A 302 -9.03 17.91 -26.63
C ASN A 302 -10.21 17.35 -25.85
N PRO A 303 -11.06 18.24 -25.31
CA PRO A 303 -12.21 17.78 -24.54
C PRO A 303 -13.33 17.19 -25.35
N HIS A 304 -14.17 16.39 -24.70
CA HIS A 304 -15.35 15.82 -25.33
C HIS A 304 -16.33 16.99 -25.34
N PRO A 305 -17.24 17.01 -26.31
CA PRO A 305 -18.23 18.08 -26.43
C PRO A 305 -18.91 18.49 -25.12
N THR A 306 -19.36 19.74 -25.09
CA THR A 306 -20.03 20.33 -23.93
C THR A 306 -21.25 19.56 -23.47
N ILE A 307 -21.64 19.83 -22.23
CA ILE A 307 -22.82 19.22 -21.60
C ILE A 307 -23.52 20.33 -20.84
N LYS A 308 -24.72 20.69 -21.27
CA LYS A 308 -25.46 21.76 -20.62
C LYS A 308 -26.18 21.29 -19.37
N MET A 309 -26.06 22.09 -18.30
CA MET A 309 -26.70 21.82 -17.02
C MET A 309 -27.17 23.14 -16.45
N GLU A 310 -28.43 23.18 -16.02
CA GLU A 310 -29.01 24.40 -15.48
C GLU A 310 -28.54 24.67 -14.05
N MET A 311 -28.38 25.96 -13.75
CA MET A 311 -27.93 26.39 -12.44
C MET A 311 -29.10 26.53 -11.46
N ALA A 312 -28.89 26.01 -10.24
CA ALA A 312 -29.90 26.10 -9.20
C ALA A 312 -29.67 27.44 -8.48
N VAL A 313 -30.63 28.35 -8.57
CA VAL A 313 -30.47 29.65 -7.94
C VAL A 313 -30.94 29.74 -6.48
N HIS B 28 -12.04 -3.07 13.10
CA HIS B 28 -12.03 -2.03 14.17
C HIS B 28 -11.87 -0.64 13.53
N GLY B 29 -12.02 0.41 14.33
CA GLY B 29 -11.90 1.76 13.80
C GLY B 29 -10.58 2.43 14.12
N GLU B 30 -9.94 1.94 15.18
CA GLU B 30 -8.64 2.46 15.63
C GLU B 30 -7.52 2.11 14.65
N LEU B 31 -7.83 1.25 13.68
CA LEU B 31 -6.83 0.84 12.70
C LEU B 31 -6.45 1.95 11.73
N GLN B 32 -7.41 2.82 11.42
CA GLN B 32 -7.16 3.96 10.54
C GLN B 32 -6.07 4.83 11.14
N TYR B 33 -6.25 5.18 12.40
CA TYR B 33 -5.27 5.99 13.11
C TYR B 33 -3.91 5.30 13.05
N LEU B 34 -3.84 4.07 13.53
CA LEU B 34 -2.60 3.31 13.51
C LEU B 34 -1.95 3.42 12.13
N GLY B 35 -2.76 3.12 11.12
CA GLY B 35 -2.28 3.17 9.75
C GLY B 35 -1.70 4.50 9.34
N GLN B 36 -2.36 5.59 9.70
CA GLN B 36 -1.86 6.91 9.35
C GLN B 36 -0.49 7.07 9.95
N ILE B 37 -0.29 6.45 11.11
CA ILE B 37 1.00 6.52 11.79
C ILE B 37 1.97 5.63 11.03
N GLN B 38 1.47 4.48 10.61
CA GLN B 38 2.24 3.51 9.86
C GLN B 38 2.76 4.13 8.57
N HIS B 39 1.95 5.00 7.97
CA HIS B 39 2.28 5.68 6.71
C HIS B 39 3.28 6.80 6.94
N ILE B 40 2.95 7.72 7.83
CA ILE B 40 3.84 8.83 8.12
C ILE B 40 5.25 8.32 8.46
N LEU B 41 5.36 7.03 8.77
CA LEU B 41 6.66 6.48 9.09
C LEU B 41 7.38 5.84 7.93
N ARG B 42 6.71 5.47 6.89
CA ARG B 42 7.44 4.83 5.78
C ARG B 42 7.23 5.51 4.45
N CYS B 43 6.71 6.67 4.56
CA CYS B 43 6.64 7.50 3.36
C CYS B 43 6.67 8.99 3.68
N GLY B 44 6.76 9.33 4.96
CA GLY B 44 6.81 10.74 5.34
C GLY B 44 8.14 11.33 4.91
N VAL B 45 8.33 12.63 5.14
CA VAL B 45 9.59 13.25 4.75
C VAL B 45 10.15 14.04 5.91
N GLU B 46 11.48 14.10 6.03
CA GLU B 46 12.09 14.85 7.11
C GLU B 46 11.72 16.34 6.92
N LYS B 47 11.41 17.03 8.02
CA LYS B 47 11.05 18.44 7.99
C LYS B 47 11.51 19.16 9.27
N ASP B 48 11.56 20.48 9.23
CA ASP B 48 11.94 21.25 10.41
C ASP B 48 10.69 21.93 10.95
N ASP B 49 10.77 22.51 12.14
CA ASP B 49 9.62 23.17 12.71
C ASP B 49 10.09 24.18 13.74
N ARG B 50 9.17 24.99 14.22
CA ARG B 50 9.52 26.00 15.20
C ARG B 50 10.20 25.47 16.48
N THR B 51 9.78 24.29 16.95
CA THR B 51 10.34 23.74 18.19
C THR B 51 11.80 23.40 18.10
N GLY B 52 12.29 23.23 16.88
CA GLY B 52 13.69 22.90 16.70
C GLY B 52 13.84 21.40 16.79
N THR B 53 12.78 20.73 17.21
CA THR B 53 12.79 19.29 17.32
C THR B 53 12.71 18.78 15.88
N GLY B 54 12.72 17.48 15.69
CA GLY B 54 12.63 16.97 14.34
C GLY B 54 11.18 16.79 13.95
N THR B 55 10.93 15.98 12.91
CA THR B 55 9.57 15.70 12.44
C THR B 55 9.47 15.04 11.10
N LEU B 56 8.64 14.02 11.01
CA LEU B 56 8.40 13.34 9.74
C LEU B 56 6.99 13.82 9.41
N SER B 57 6.76 14.32 8.20
CA SER B 57 5.42 14.80 7.89
C SER B 57 4.85 14.37 6.55
N VAL B 58 3.54 14.57 6.41
CA VAL B 58 2.78 14.23 5.23
C VAL B 58 1.68 15.30 5.14
N PHE B 59 1.29 15.67 3.93
CA PHE B 59 0.27 16.71 3.76
C PHE B 59 -1.05 16.22 3.16
N GLY B 60 -2.16 16.46 3.85
CA GLY B 60 -3.46 16.03 3.36
C GLY B 60 -3.72 14.56 3.62
N MET B 61 -4.59 14.28 4.61
CA MET B 61 -4.93 12.93 4.99
C MET B 61 -6.37 13.00 5.49
N GLN B 62 -7.10 11.88 5.42
CA GLN B 62 -8.49 11.87 5.88
C GLN B 62 -8.98 10.53 6.44
N ALA B 63 -9.45 10.55 7.68
CA ALA B 63 -9.95 9.34 8.32
C ALA B 63 -11.39 9.58 8.73
N ARG B 64 -12.16 8.51 8.90
CA ARG B 64 -13.57 8.61 9.28
C ARG B 64 -13.95 7.64 10.40
N TYR B 65 -14.28 8.18 11.57
CA TYR B 65 -14.66 7.34 12.69
C TYR B 65 -16.18 7.34 12.89
N SER B 66 -16.75 6.15 13.11
CA SER B 66 -18.19 5.99 13.33
C SER B 66 -18.57 6.27 14.78
N LEU B 67 -19.56 7.11 15.00
CA LEU B 67 -19.96 7.42 16.37
C LEU B 67 -21.21 6.67 16.86
N ARG B 68 -21.74 5.77 16.03
CA ARG B 68 -22.95 5.00 16.37
C ARG B 68 -22.68 3.87 17.35
N ASP B 69 -23.07 4.10 18.60
CA ASP B 69 -22.90 3.12 19.67
C ASP B 69 -21.43 2.79 19.94
N GLU B 70 -20.64 3.84 20.16
CA GLU B 70 -19.23 3.72 20.49
C GLU B 70 -18.54 5.08 20.46
N PHE B 71 -17.50 5.22 21.27
CA PHE B 71 -16.74 6.46 21.42
C PHE B 71 -15.30 6.19 21.02
N PRO B 72 -14.74 7.04 20.15
CA PRO B 72 -13.36 6.88 19.68
C PRO B 72 -12.26 7.22 20.70
N LEU B 73 -12.20 6.47 21.79
CA LEU B 73 -11.17 6.70 22.79
C LEU B 73 -10.12 5.60 22.60
N LEU B 74 -9.04 5.92 21.91
CA LEU B 74 -7.95 4.97 21.62
C LEU B 74 -7.72 3.91 22.69
N THR B 75 -7.33 2.70 22.28
CA THR B 75 -7.12 1.62 23.23
C THR B 75 -5.70 1.09 23.28
N THR B 76 -4.96 1.22 22.19
CA THR B 76 -3.59 0.72 22.13
C THR B 76 -2.67 1.54 23.04
N LYS B 77 -3.29 2.49 23.74
CA LYS B 77 -2.61 3.40 24.65
C LYS B 77 -3.71 3.92 25.58
N ARG B 78 -3.33 4.41 26.75
CA ARG B 78 -4.31 4.93 27.71
C ARG B 78 -4.43 6.43 27.51
N VAL B 79 -5.64 6.89 27.21
CA VAL B 79 -5.84 8.32 27.00
C VAL B 79 -6.36 9.00 28.27
N PHE B 80 -5.82 10.17 28.55
CA PHE B 80 -6.20 10.95 29.72
C PHE B 80 -7.60 11.53 29.50
N TRP B 81 -8.62 10.67 29.53
CA TRP B 81 -9.99 11.11 29.32
C TRP B 81 -10.41 12.27 30.23
N LYS B 82 -9.83 12.34 31.41
CA LYS B 82 -10.15 13.42 32.34
C LYS B 82 -9.84 14.79 31.70
N GLY B 83 -8.65 14.91 31.13
CA GLY B 83 -8.21 16.15 30.49
C GLY B 83 -9.05 16.46 29.27
N VAL B 84 -9.37 15.42 28.52
CA VAL B 84 -10.21 15.57 27.35
C VAL B 84 -11.48 16.30 27.78
N LEU B 85 -12.28 15.64 28.63
CA LEU B 85 -13.54 16.19 29.12
C LEU B 85 -13.41 17.58 29.77
N GLU B 86 -12.39 17.77 30.58
CA GLU B 86 -12.22 19.05 31.23
C GLU B 86 -11.94 20.20 30.25
N GLU B 87 -11.10 19.92 29.26
CA GLU B 87 -10.72 20.89 28.24
C GLU B 87 -11.94 21.37 27.44
N LEU B 88 -12.79 20.42 27.01
CA LEU B 88 -13.99 20.77 26.23
C LEU B 88 -14.92 21.61 27.09
N LEU B 89 -15.09 21.21 28.34
CA LEU B 89 -15.93 21.98 29.23
C LEU B 89 -15.31 23.36 29.34
N TRP B 90 -13.98 23.39 29.40
CA TRP B 90 -13.21 24.63 29.49
C TRP B 90 -13.42 25.54 28.27
N PHE B 91 -13.49 24.95 27.06
CA PHE B 91 -13.73 25.70 25.81
C PHE B 91 -15.12 26.33 25.78
N ILE B 92 -16.14 25.50 25.96
CA ILE B 92 -17.53 25.97 25.94
C ILE B 92 -17.69 27.16 26.85
N LYS B 93 -16.94 27.15 27.94
CA LYS B 93 -16.97 28.21 28.94
C LYS B 93 -16.49 29.53 28.34
N GLY B 94 -15.60 29.45 27.35
CA GLY B 94 -15.08 30.65 26.70
C GLY B 94 -13.86 31.21 27.41
N SER B 95 -13.32 30.40 28.33
CA SER B 95 -12.17 30.78 29.12
C SER B 95 -10.89 30.78 28.32
N THR B 96 -9.90 31.53 28.81
CA THR B 96 -8.60 31.59 28.17
C THR B 96 -7.47 31.50 29.20
N ASN B 97 -7.81 31.42 30.51
CA ASN B 97 -6.81 31.32 31.59
C ASN B 97 -6.32 29.88 31.71
N ALA B 98 -5.11 29.61 31.23
CA ALA B 98 -4.58 28.27 31.32
C ALA B 98 -4.51 27.88 32.79
N LYS B 99 -4.75 28.84 33.67
CA LYS B 99 -4.74 28.55 35.08
C LYS B 99 -6.02 27.83 35.46
N GLU B 100 -7.17 28.35 35.02
CA GLU B 100 -8.46 27.73 35.35
C GLU B 100 -8.49 26.23 35.12
N LEU B 101 -8.05 25.80 33.94
CA LEU B 101 -8.04 24.38 33.63
C LEU B 101 -7.04 23.67 34.53
N SER B 102 -5.99 24.39 34.91
CA SER B 102 -4.96 23.81 35.77
C SER B 102 -5.56 23.55 37.15
N SER B 103 -6.45 24.44 37.56
CA SER B 103 -7.11 24.33 38.86
C SER B 103 -7.86 23.02 38.97
N LYS B 104 -8.42 22.53 37.86
CA LYS B 104 -9.16 21.28 37.86
C LYS B 104 -8.23 20.08 37.80
N GLY B 105 -6.95 20.34 37.52
CA GLY B 105 -5.98 19.25 37.45
C GLY B 105 -5.62 18.81 36.05
N VAL B 106 -5.75 19.73 35.09
CA VAL B 106 -5.44 19.45 33.70
C VAL B 106 -4.35 20.44 33.28
N LYS B 107 -3.11 19.98 33.33
CA LYS B 107 -1.95 20.81 33.01
C LYS B 107 -1.66 21.03 31.53
N ILE B 108 -2.27 20.21 30.67
CA ILE B 108 -2.03 20.29 29.23
C ILE B 108 -1.82 21.66 28.59
N TRP B 109 -2.29 22.74 29.20
CA TRP B 109 -2.08 24.04 28.59
C TRP B 109 -1.21 25.01 29.38
N ASP B 110 -0.61 24.55 30.46
CA ASP B 110 0.24 25.43 31.28
C ASP B 110 1.55 25.80 30.59
N ALA B 111 1.98 24.95 29.67
CA ALA B 111 3.22 25.15 28.92
C ALA B 111 3.26 26.42 28.07
N ASN B 112 2.26 26.61 27.22
CA ASN B 112 2.22 27.78 26.35
C ASN B 112 1.61 29.02 27.01
N GLY B 113 1.43 28.93 28.33
CA GLY B 113 0.88 30.04 29.06
C GLY B 113 1.91 30.53 30.05
N SER B 114 2.96 29.72 30.21
CA SER B 114 4.04 30.02 31.13
C SER B 114 4.63 31.40 30.93
N ARG B 115 5.34 31.88 31.95
CA ARG B 115 5.97 33.20 31.91
C ARG B 115 7.04 33.28 30.83
N ASP B 116 7.83 32.22 30.71
CA ASP B 116 8.90 32.19 29.72
C ASP B 116 8.35 32.20 28.31
N PHE B 117 7.54 31.21 28.00
CA PHE B 117 6.95 31.08 26.67
C PHE B 117 6.23 32.35 26.23
N LEU B 118 5.56 33.01 27.18
CA LEU B 118 4.84 34.22 26.85
C LEU B 118 5.77 35.41 26.59
N ASP B 119 6.88 35.49 27.32
CA ASP B 119 7.82 36.58 27.12
C ASP B 119 8.56 36.48 25.79
N SER B 120 8.78 35.25 25.35
CA SER B 120 9.50 35.00 24.09
C SER B 120 8.72 35.45 22.86
N LEU B 121 7.45 35.81 23.04
CA LEU B 121 6.62 36.27 21.93
C LEU B 121 6.34 37.75 22.10
N GLY B 122 7.00 38.36 23.07
CA GLY B 122 6.81 39.78 23.30
C GLY B 122 5.54 40.11 24.06
N PHE B 123 5.02 39.14 24.81
CA PHE B 123 3.81 39.33 25.61
C PHE B 123 4.23 39.55 27.07
N SER B 124 5.40 40.15 27.25
CA SER B 124 5.96 40.40 28.56
C SER B 124 5.14 41.27 29.53
N THR B 125 3.96 41.72 29.11
CA THR B 125 3.14 42.53 30.00
C THR B 125 1.85 41.80 30.35
N ARG B 126 1.77 40.52 29.99
CA ARG B 126 0.60 39.69 30.28
C ARG B 126 0.88 38.89 31.55
N GLU B 127 -0.20 38.48 32.22
CA GLU B 127 -0.07 37.68 33.42
C GLU B 127 -0.11 36.22 33.01
N GLU B 128 0.73 35.39 33.64
CA GLU B 128 0.79 33.97 33.32
C GLU B 128 -0.57 33.39 33.06
N GLY B 129 -0.64 32.44 32.13
CA GLY B 129 -1.89 31.78 31.83
C GLY B 129 -2.82 32.45 30.84
N ASP B 130 -2.44 33.59 30.28
CA ASP B 130 -3.30 34.27 29.31
C ASP B 130 -2.96 33.88 27.87
N LEU B 131 -3.56 32.78 27.43
CA LEU B 131 -3.37 32.25 26.10
C LEU B 131 -3.74 33.19 24.99
N GLY B 132 -4.61 34.15 25.28
CA GLY B 132 -5.03 35.11 24.27
C GLY B 132 -6.27 34.66 23.53
N PRO B 133 -6.77 35.47 22.57
CA PRO B 133 -7.96 35.16 21.78
C PRO B 133 -7.94 33.81 21.08
N VAL B 134 -7.99 32.73 21.86
CA VAL B 134 -7.98 31.38 21.32
C VAL B 134 -9.30 30.64 21.47
N TYR B 135 -9.33 29.40 20.99
CA TYR B 135 -10.51 28.54 21.00
C TYR B 135 -11.78 29.11 21.63
N GLY B 136 -11.91 28.96 22.95
CA GLY B 136 -13.10 29.44 23.63
C GLY B 136 -13.61 30.81 23.22
N PHE B 137 -12.71 31.79 23.24
CA PHE B 137 -13.05 33.17 22.89
C PHE B 137 -13.54 33.33 21.47
N GLN B 138 -12.99 32.53 20.55
CA GLN B 138 -13.39 32.59 19.16
C GLN B 138 -14.76 31.96 18.97
N TRP B 139 -14.95 30.79 19.57
CA TRP B 139 -16.22 30.07 19.49
C TRP B 139 -17.44 30.88 19.93
N ARG B 140 -17.28 31.64 21.02
CA ARG B 140 -18.38 32.44 21.57
C ARG B 140 -18.36 33.95 21.32
N HIS B 141 -17.19 34.54 21.17
CA HIS B 141 -17.13 35.99 20.96
C HIS B 141 -16.25 36.37 19.77
N PHE B 142 -16.48 35.75 18.62
CA PHE B 142 -15.68 36.02 17.43
C PHE B 142 -15.42 37.50 17.15
N GLY B 143 -16.46 38.25 16.82
CA GLY B 143 -16.24 39.65 16.55
C GLY B 143 -15.41 40.37 17.61
N ALA B 144 -15.81 40.22 18.87
CA ALA B 144 -15.18 40.84 20.04
C ALA B 144 -13.73 41.31 19.94
N GLU B 145 -13.47 42.44 20.59
CA GLU B 145 -12.14 43.02 20.63
C GLU B 145 -11.48 42.56 21.93
N TYR B 146 -10.53 41.63 21.82
CA TYR B 146 -9.84 41.08 22.98
C TYR B 146 -9.01 42.11 23.71
N ARG B 147 -8.70 41.79 24.96
CA ARG B 147 -7.92 42.66 25.82
C ARG B 147 -7.94 42.07 27.22
N ASP B 148 -6.95 41.24 27.56
CA ASP B 148 -6.87 40.65 28.90
C ASP B 148 -7.78 39.43 29.10
N MET B 149 -7.23 38.39 29.72
CA MET B 149 -7.94 37.14 29.96
C MET B 149 -9.03 37.16 31.02
N GLU B 150 -9.27 38.30 31.66
CA GLU B 150 -10.29 38.35 32.69
C GLU B 150 -11.32 39.45 32.52
N SER B 151 -11.51 39.91 31.27
CA SER B 151 -12.49 40.95 31.00
C SER B 151 -13.81 40.29 30.70
N ASP B 152 -14.90 41.04 30.84
CA ASP B 152 -16.23 40.53 30.57
C ASP B 152 -16.58 40.72 29.10
N TYR B 153 -16.70 39.60 28.38
CA TYR B 153 -16.99 39.62 26.96
C TYR B 153 -18.42 39.18 26.62
N SER B 154 -19.26 39.11 27.65
CA SER B 154 -20.65 38.68 27.44
C SER B 154 -21.39 39.69 26.58
N GLY B 155 -22.31 39.19 25.76
CA GLY B 155 -23.09 40.08 24.93
C GLY B 155 -22.41 40.60 23.68
N GLN B 156 -21.09 40.77 23.72
CA GLN B 156 -20.37 41.25 22.55
C GLN B 156 -19.73 40.08 21.81
N GLY B 157 -19.49 40.25 20.51
CA GLY B 157 -18.90 39.19 19.73
C GLY B 157 -20.01 38.34 19.14
N VAL B 158 -19.67 37.35 18.34
CA VAL B 158 -20.69 36.50 17.74
C VAL B 158 -20.50 35.04 18.18
N ASP B 159 -21.55 34.46 18.78
CA ASP B 159 -21.52 33.09 19.29
C ASP B 159 -21.80 32.02 18.24
N GLN B 160 -20.72 31.45 17.70
CA GLN B 160 -20.86 30.41 16.69
C GLN B 160 -21.48 29.13 17.25
N LEU B 161 -20.98 28.71 18.41
CA LEU B 161 -21.45 27.49 19.07
C LEU B 161 -22.96 27.46 19.17
N GLN B 162 -23.55 28.56 19.61
CA GLN B 162 -25.00 28.60 19.75
C GLN B 162 -25.68 28.69 18.38
N ARG B 163 -25.18 29.59 17.52
CA ARG B 163 -25.74 29.77 16.19
C ARG B 163 -25.91 28.41 15.52
N VAL B 164 -24.89 27.56 15.69
CA VAL B 164 -24.86 26.21 15.12
C VAL B 164 -25.99 25.33 15.63
N ILE B 165 -26.21 25.38 16.95
CA ILE B 165 -27.22 24.59 17.62
C ILE B 165 -28.64 24.92 17.14
N ASP B 166 -28.96 26.21 17.10
CA ASP B 166 -30.27 26.65 16.66
C ASP B 166 -30.56 26.28 15.22
N THR B 167 -29.51 26.23 14.40
CA THR B 167 -29.73 25.88 13.01
C THR B 167 -30.10 24.42 12.90
N ILE B 168 -29.36 23.55 13.60
CA ILE B 168 -29.64 22.11 13.58
C ILE B 168 -31.10 21.90 13.96
N LYS B 169 -31.55 22.67 14.93
CA LYS B 169 -32.92 22.58 15.41
C LYS B 169 -33.96 23.06 14.40
N THR B 170 -33.78 24.26 13.88
CA THR B 170 -34.74 24.81 12.93
C THR B 170 -34.56 24.40 11.48
N ASN B 171 -33.34 24.50 10.97
CA ASN B 171 -33.09 24.16 9.57
C ASN B 171 -31.90 23.23 9.39
N PRO B 172 -32.14 21.92 9.49
CA PRO B 172 -31.20 20.79 9.38
C PRO B 172 -30.46 20.64 8.04
N ASP B 173 -31.10 21.03 6.95
CA ASP B 173 -30.48 20.87 5.65
C ASP B 173 -29.43 21.92 5.29
N ASP B 174 -29.37 23.00 6.06
CA ASP B 174 -28.41 24.06 5.83
C ASP B 174 -27.00 23.54 5.54
N ARG B 175 -26.33 24.10 4.55
CA ARG B 175 -24.97 23.67 4.22
C ARG B 175 -23.96 24.71 4.67
N ARG B 176 -24.32 25.46 5.72
CA ARG B 176 -23.45 26.50 6.27
C ARG B 176 -23.28 26.40 7.80
N ILE B 177 -23.52 25.21 8.36
CA ILE B 177 -23.36 25.03 9.80
C ILE B 177 -21.88 24.93 10.13
N ILE B 178 -21.20 26.06 10.12
CA ILE B 178 -19.77 26.09 10.35
C ILE B 178 -19.39 26.87 11.60
N MET B 179 -18.37 26.36 12.30
CA MET B 179 -17.85 27.00 13.49
C MET B 179 -16.37 27.16 13.13
N CYS B 180 -15.92 28.41 13.08
CA CYS B 180 -14.53 28.69 12.71
C CYS B 180 -13.69 29.39 13.77
N ALA B 181 -12.53 28.81 14.07
CA ALA B 181 -11.64 29.37 15.08
C ALA B 181 -10.56 30.28 14.48
N TRP B 182 -10.22 30.04 13.21
CA TRP B 182 -9.21 30.83 12.53
C TRP B 182 -9.71 32.24 12.27
N ASN B 183 -9.12 33.20 12.98
CA ASN B 183 -9.50 34.59 12.85
C ASN B 183 -8.27 35.43 12.54
N PRO B 184 -7.91 35.56 11.26
CA PRO B 184 -6.75 36.33 10.80
C PRO B 184 -6.38 37.58 11.60
N ARG B 185 -7.37 38.41 11.89
CA ARG B 185 -7.13 39.64 12.65
C ARG B 185 -6.41 39.41 13.98
N ASP B 186 -6.77 38.35 14.69
CA ASP B 186 -6.22 38.05 16.02
C ASP B 186 -4.97 37.17 16.12
N LEU B 187 -4.60 36.48 15.04
CA LEU B 187 -3.42 35.60 15.03
C LEU B 187 -2.22 36.07 15.86
N PRO B 188 -1.81 37.33 15.70
CA PRO B 188 -0.67 37.90 16.41
C PRO B 188 -0.79 37.99 17.92
N LEU B 189 -2.00 37.82 18.43
CA LEU B 189 -2.23 37.90 19.87
C LEU B 189 -2.27 36.52 20.51
N MET B 190 -2.48 35.50 19.67
CA MET B 190 -2.55 34.12 20.15
C MET B 190 -1.17 33.59 20.51
N ALA B 191 -1.08 32.93 21.66
CA ALA B 191 0.17 32.35 22.11
C ALA B 191 0.44 31.07 21.35
N LEU B 192 -0.56 30.55 20.66
CA LEU B 192 -0.41 29.31 19.91
C LEU B 192 -1.73 29.09 19.15
N PRO B 193 -1.74 29.43 17.84
CA PRO B 193 -2.89 29.32 16.94
C PRO B 193 -3.69 28.03 17.00
N PRO B 194 -4.95 28.10 16.55
CA PRO B 194 -5.87 26.96 16.55
C PRO B 194 -5.37 25.85 15.65
N CYS B 195 -5.09 24.68 16.21
CA CYS B 195 -4.66 23.56 15.40
C CYS B 195 -5.92 22.99 14.73
N HIS B 196 -7.01 22.96 15.50
CA HIS B 196 -8.30 22.54 14.96
C HIS B 196 -8.88 23.91 14.66
N ALA B 197 -8.87 24.24 13.37
CA ALA B 197 -9.31 25.54 12.87
C ALA B 197 -10.73 25.67 12.41
N LEU B 198 -11.35 24.59 11.97
CA LEU B 198 -12.71 24.74 11.50
C LEU B 198 -13.43 23.39 11.47
N CYS B 199 -14.70 23.40 11.84
CA CYS B 199 -15.49 22.17 11.82
C CYS B 199 -16.88 22.50 11.27
N GLN B 200 -17.51 21.51 10.65
CA GLN B 200 -18.83 21.68 10.06
C GLN B 200 -19.71 20.48 10.36
N PHE B 201 -20.99 20.76 10.61
CA PHE B 201 -21.97 19.73 10.92
C PHE B 201 -22.92 19.52 9.77
N TYR B 202 -23.38 18.29 9.65
CA TYR B 202 -24.29 17.88 8.60
C TYR B 202 -25.27 16.89 9.21
N VAL B 203 -26.56 17.03 8.90
CA VAL B 203 -27.58 16.12 9.43
C VAL B 203 -28.41 15.47 8.34
N VAL B 204 -28.54 14.16 8.45
CA VAL B 204 -29.33 13.39 7.49
C VAL B 204 -30.03 12.27 8.27
N ASN B 205 -31.31 12.09 8.00
CA ASN B 205 -32.09 11.05 8.66
C ASN B 205 -31.75 10.86 10.13
N SER B 206 -32.29 11.74 10.96
CA SER B 206 -32.11 11.69 12.42
C SER B 206 -30.67 11.70 12.98
N GLU B 207 -29.64 11.45 12.16
CA GLU B 207 -28.28 11.49 12.69
C GLU B 207 -27.43 12.69 12.33
N LEU B 208 -26.66 13.17 13.31
CA LEU B 208 -25.77 14.33 13.21
C LEU B 208 -24.32 13.92 13.07
N SER B 209 -23.67 14.42 12.02
CA SER B 209 -22.25 14.13 11.76
C SER B 209 -21.44 15.41 11.84
N CYS B 210 -20.12 15.26 11.99
CA CYS B 210 -19.24 16.41 12.09
C CYS B 210 -17.86 16.18 11.46
N GLN B 211 -17.40 17.15 10.66
CA GLN B 211 -16.08 17.06 10.04
C GLN B 211 -15.16 18.14 10.58
N LEU B 212 -13.89 17.78 10.75
CA LEU B 212 -12.88 18.69 11.28
C LEU B 212 -11.69 18.88 10.35
N TYR B 213 -11.23 20.13 10.27
CA TYR B 213 -10.06 20.45 9.48
C TYR B 213 -9.00 20.87 10.48
N GLN B 214 -7.98 20.02 10.62
CA GLN B 214 -6.89 20.27 11.55
C GLN B 214 -5.61 20.59 10.77
N ARG B 215 -5.34 21.89 10.61
CA ARG B 215 -4.18 22.35 9.87
C ARG B 215 -2.89 21.70 10.34
N SER B 216 -2.80 21.44 11.65
CA SER B 216 -1.60 20.85 12.21
C SER B 216 -1.91 19.73 13.19
N GLY B 217 -1.25 18.58 13.02
CA GLY B 217 -1.51 17.47 13.91
C GLY B 217 -0.32 16.71 14.49
N ASP B 218 -0.16 16.79 15.81
CA ASP B 218 0.89 16.06 16.52
C ASP B 218 0.32 14.67 16.73
N MET B 219 0.60 13.79 15.78
CA MET B 219 0.12 12.41 15.77
C MET B 219 0.27 11.59 17.05
N GLY B 220 1.24 11.94 17.89
CA GLY B 220 1.46 11.20 19.12
C GLY B 220 0.78 11.74 20.37
N LEU B 221 0.66 13.05 20.48
CA LEU B 221 0.02 13.63 21.64
C LEU B 221 -1.37 14.19 21.42
N GLY B 222 -1.43 15.31 20.71
CA GLY B 222 -2.70 15.99 20.48
C GLY B 222 -3.80 15.31 19.68
N VAL B 223 -3.44 14.66 18.57
CA VAL B 223 -4.46 14.02 17.74
C VAL B 223 -5.37 13.08 18.55
N PRO B 224 -4.81 12.07 19.22
CA PRO B 224 -5.65 11.16 20.00
C PRO B 224 -6.61 11.94 20.89
N PHE B 225 -6.10 13.00 21.50
CA PHE B 225 -6.90 13.86 22.38
C PHE B 225 -7.96 14.59 21.57
N ASN B 226 -7.57 15.03 20.38
CA ASN B 226 -8.47 15.78 19.52
C ASN B 226 -9.64 14.97 18.98
N ILE B 227 -9.38 13.73 18.60
CA ILE B 227 -10.42 12.86 18.06
C ILE B 227 -11.53 12.65 19.08
N ALA B 228 -11.14 12.50 20.33
CA ALA B 228 -12.09 12.28 21.42
C ALA B 228 -12.87 13.56 21.76
N SER B 229 -12.19 14.70 21.67
CA SER B 229 -12.83 15.98 21.99
C SER B 229 -13.96 16.33 21.03
N TYR B 230 -13.78 16.01 19.76
CA TYR B 230 -14.83 16.32 18.79
C TYR B 230 -15.95 15.29 18.77
N ALA B 231 -15.62 14.05 19.10
CA ALA B 231 -16.63 13.01 19.16
C ALA B 231 -17.54 13.37 20.35
N LEU B 232 -16.92 13.81 21.45
CA LEU B 232 -17.68 14.20 22.65
C LEU B 232 -18.59 15.37 22.30
N LEU B 233 -18.03 16.44 21.72
CA LEU B 233 -18.82 17.62 21.34
C LEU B 233 -20.01 17.23 20.47
N THR B 234 -19.79 16.29 19.56
CA THR B 234 -20.88 15.83 18.71
C THR B 234 -21.96 15.20 19.62
N TYR B 235 -21.57 14.25 20.48
CA TYR B 235 -22.52 13.63 21.40
C TYR B 235 -23.34 14.66 22.16
N MET B 236 -22.66 15.65 22.72
CA MET B 236 -23.31 16.72 23.48
C MET B 236 -24.35 17.45 22.63
N ILE B 237 -23.95 17.84 21.43
CA ILE B 237 -24.86 18.54 20.52
C ILE B 237 -26.07 17.66 20.16
N ALA B 238 -25.80 16.42 19.77
CA ALA B 238 -26.84 15.48 19.38
C ALA B 238 -27.92 15.30 20.44
N HIS B 239 -27.48 15.33 21.70
CA HIS B 239 -28.33 15.14 22.88
C HIS B 239 -29.30 16.30 23.09
N ILE B 240 -28.79 17.53 22.98
CA ILE B 240 -29.59 18.74 23.16
C ILE B 240 -30.56 19.01 22.01
N THR B 241 -30.24 18.45 20.85
CA THR B 241 -31.06 18.65 19.67
C THR B 241 -31.89 17.40 19.41
N GLY B 242 -31.63 16.35 20.19
CA GLY B 242 -32.38 15.13 20.05
C GLY B 242 -32.11 14.34 18.80
N LEU B 243 -30.84 14.14 18.48
CA LEU B 243 -30.49 13.37 17.30
C LEU B 243 -29.56 12.25 17.72
N LYS B 244 -29.23 11.37 16.77
CA LYS B 244 -28.33 10.25 17.03
C LYS B 244 -26.97 10.54 16.37
N PRO B 245 -25.87 10.51 17.15
CA PRO B 245 -24.56 10.78 16.56
C PRO B 245 -24.24 9.88 15.35
N GLY B 246 -23.66 10.48 14.30
CA GLY B 246 -23.31 9.72 13.11
C GLY B 246 -21.83 9.45 12.90
N ASP B 247 -21.19 10.27 12.05
CA ASP B 247 -19.77 10.11 11.76
C ASP B 247 -18.94 11.32 12.13
N PHE B 248 -17.68 11.07 12.49
CA PHE B 248 -16.71 12.12 12.81
C PHE B 248 -15.65 12.02 11.75
N ILE B 249 -15.60 12.99 10.84
CA ILE B 249 -14.61 12.94 9.79
C ILE B 249 -13.43 13.83 10.13
N HIS B 250 -12.24 13.24 10.14
CA HIS B 250 -11.01 13.95 10.51
C HIS B 250 -10.10 14.25 9.32
N THR B 251 -9.96 15.52 8.96
CA THR B 251 -9.11 15.89 7.84
C THR B 251 -7.85 16.61 8.29
N LEU B 252 -6.70 16.03 7.97
CA LEU B 252 -5.42 16.60 8.37
C LEU B 252 -4.75 17.44 7.33
N GLY B 253 -3.88 18.32 7.80
CA GLY B 253 -3.07 19.16 6.93
C GLY B 253 -1.66 18.62 7.09
N ASP B 254 -0.85 19.25 7.94
CA ASP B 254 0.50 18.78 8.18
C ASP B 254 0.44 17.76 9.30
N ALA B 255 0.24 16.51 8.94
CA ALA B 255 0.19 15.44 9.93
C ALA B 255 1.62 14.97 10.15
N HIS B 256 2.22 15.38 11.26
CA HIS B 256 3.58 14.99 11.53
C HIS B 256 3.78 14.06 12.72
N ILE B 257 5.03 13.65 12.92
CA ILE B 257 5.39 12.79 14.04
C ILE B 257 6.73 13.33 14.51
N TYR B 258 6.77 13.94 15.68
CA TYR B 258 8.05 14.43 16.15
C TYR B 258 9.01 13.24 16.25
N LEU B 259 10.25 13.46 15.84
CA LEU B 259 11.29 12.43 15.83
C LEU B 259 11.52 11.65 17.12
N ASN B 260 11.34 12.31 18.26
CA ASN B 260 11.53 11.70 19.57
C ASN B 260 10.29 10.92 19.98
N HIS B 261 9.41 10.68 19.02
CA HIS B 261 8.17 9.93 19.27
C HIS B 261 8.20 8.61 18.49
N ILE B 262 9.14 8.49 17.58
CA ILE B 262 9.26 7.29 16.73
C ILE B 262 9.38 5.96 17.47
N GLU B 263 10.25 5.88 18.46
CA GLU B 263 10.42 4.64 19.23
C GLU B 263 9.11 4.28 19.89
N PRO B 264 8.55 5.21 20.69
CA PRO B 264 7.27 4.97 21.37
C PRO B 264 6.15 4.50 20.43
N LEU B 265 5.80 5.33 19.46
CA LEU B 265 4.74 4.99 18.52
C LEU B 265 4.97 3.61 17.88
N LYS B 266 6.24 3.25 17.72
CA LYS B 266 6.63 1.98 17.11
C LYS B 266 6.22 0.80 17.97
N ILE B 267 6.05 1.04 19.26
CA ILE B 267 5.63 0.00 20.20
C ILE B 267 4.11 -0.07 20.07
N GLN B 268 3.47 1.06 20.35
CA GLN B 268 2.02 1.18 20.27
C GLN B 268 1.47 0.55 19.00
N LEU B 269 2.28 0.55 17.94
CA LEU B 269 1.86 -0.02 16.67
C LEU B 269 1.79 -1.53 16.70
N GLN B 270 2.41 -2.14 17.70
CA GLN B 270 2.40 -3.59 17.79
C GLN B 270 1.40 -4.10 18.82
N ARG B 271 0.46 -3.25 19.20
CA ARG B 271 -0.55 -3.62 20.18
C ARG B 271 -1.92 -3.95 19.55
N GLU B 272 -2.59 -4.99 20.06
CA GLU B 272 -3.90 -5.39 19.54
C GLU B 272 -4.96 -4.45 20.09
N PRO B 273 -5.88 -3.98 19.25
CA PRO B 273 -6.92 -3.07 19.74
C PRO B 273 -8.14 -3.79 20.28
N ARG B 274 -8.62 -3.33 21.43
CA ARG B 274 -9.80 -3.90 22.06
C ARG B 274 -10.95 -3.01 21.64
N PRO B 275 -12.20 -3.45 21.89
CA PRO B 275 -13.39 -2.68 21.53
C PRO B 275 -13.43 -1.25 22.08
N PHE B 276 -13.88 -0.32 21.24
CA PHE B 276 -13.99 1.06 21.67
C PHE B 276 -14.99 1.08 22.80
N PRO B 277 -14.79 1.95 23.81
CA PRO B 277 -15.72 2.04 24.94
C PRO B 277 -17.08 2.59 24.55
N LYS B 278 -17.91 2.84 25.54
CA LYS B 278 -19.22 3.43 25.32
C LYS B 278 -19.34 4.58 26.30
N LEU B 279 -19.93 5.68 25.86
CA LEU B 279 -20.07 6.83 26.72
C LEU B 279 -21.54 7.13 26.99
N ARG B 280 -21.88 7.40 28.25
CA ARG B 280 -23.26 7.70 28.59
C ARG B 280 -23.45 9.06 29.24
N ILE B 281 -24.61 9.66 29.02
CA ILE B 281 -24.96 10.95 29.61
C ILE B 281 -26.11 10.61 30.55
N LEU B 282 -25.80 10.60 31.84
CA LEU B 282 -26.78 10.25 32.86
C LEU B 282 -27.56 11.41 33.44
N ARG B 283 -28.40 12.03 32.61
CA ARG B 283 -29.22 13.15 33.01
C ARG B 283 -29.48 14.05 31.80
N LYS B 284 -30.75 14.21 31.42
CA LYS B 284 -31.10 15.04 30.28
C LYS B 284 -30.88 16.54 30.51
N VAL B 285 -30.06 17.13 29.65
CA VAL B 285 -29.75 18.56 29.74
C VAL B 285 -30.18 19.25 28.44
N GLU B 286 -30.70 20.47 28.56
CA GLU B 286 -31.16 21.20 27.37
C GLU B 286 -30.42 22.50 27.03
N LYS B 287 -29.32 22.76 27.72
CA LYS B 287 -28.52 23.94 27.46
C LYS B 287 -27.08 23.44 27.45
N ILE B 288 -26.32 23.74 26.40
CA ILE B 288 -24.94 23.26 26.33
C ILE B 288 -24.06 23.77 27.46
N ASP B 289 -24.56 24.78 28.18
CA ASP B 289 -23.82 25.34 29.30
C ASP B 289 -24.15 24.70 30.65
N ASP B 290 -25.21 23.88 30.68
CA ASP B 290 -25.63 23.20 31.91
C ASP B 290 -24.79 21.97 32.19
N PHE B 291 -24.05 21.50 31.18
CA PHE B 291 -23.23 20.32 31.34
C PHE B 291 -22.19 20.44 32.45
N LYS B 292 -22.07 19.37 33.23
CA LYS B 292 -21.11 19.29 34.32
C LYS B 292 -20.31 18.00 34.07
N ALA B 293 -19.10 17.91 34.62
CA ALA B 293 -18.29 16.74 34.43
C ALA B 293 -18.97 15.45 34.90
N GLU B 294 -19.86 15.55 35.88
CA GLU B 294 -20.56 14.39 36.42
C GLU B 294 -21.66 13.83 35.53
N ASP B 295 -22.01 14.57 34.49
CA ASP B 295 -23.05 14.13 33.58
C ASP B 295 -22.55 13.06 32.61
N PHE B 296 -21.23 12.91 32.51
CA PHE B 296 -20.64 11.93 31.61
C PHE B 296 -19.92 10.81 32.30
N GLN B 297 -20.08 9.60 31.76
CA GLN B 297 -19.44 8.41 32.30
C GLN B 297 -19.11 7.45 31.17
N ILE B 298 -17.93 6.84 31.24
CA ILE B 298 -17.53 5.91 30.21
C ILE B 298 -17.63 4.47 30.70
N GLU B 299 -17.94 3.56 29.78
CA GLU B 299 -18.09 2.15 30.12
C GLU B 299 -17.37 1.24 29.13
N GLY B 300 -16.60 0.28 29.64
CA GLY B 300 -15.92 -0.66 28.77
C GLY B 300 -14.54 -0.29 28.26
N TYR B 301 -13.83 0.54 29.02
CA TYR B 301 -12.50 0.98 28.64
C TYR B 301 -11.40 0.07 29.19
N ASN B 302 -10.85 -0.80 28.34
CA ASN B 302 -9.78 -1.73 28.71
C ASN B 302 -8.56 -1.41 27.85
N PRO B 303 -7.97 -0.24 28.05
CA PRO B 303 -6.80 0.14 27.25
C PRO B 303 -5.52 -0.57 27.62
N HIS B 304 -4.58 -0.59 26.68
CA HIS B 304 -3.26 -1.16 26.93
C HIS B 304 -2.56 -0.07 27.74
N PRO B 305 -1.61 -0.48 28.59
CA PRO B 305 -0.87 0.47 29.43
C PRO B 305 -0.39 1.74 28.71
N THR B 306 -0.22 2.80 29.51
CA THR B 306 0.23 4.10 29.02
C THR B 306 1.55 4.05 28.27
N ILE B 307 1.79 5.12 27.51
CA ILE B 307 3.02 5.29 26.74
C ILE B 307 3.41 6.76 26.89
N LYS B 308 4.53 7.02 27.55
CA LYS B 308 4.97 8.39 27.75
C LYS B 308 5.69 8.97 26.56
N MET B 309 5.33 10.20 26.21
CA MET B 309 5.92 10.93 25.09
C MET B 309 6.06 12.38 25.50
N GLU B 310 7.25 12.94 25.29
CA GLU B 310 7.51 14.32 25.68
C GLU B 310 6.89 15.31 24.70
N MET B 311 6.43 16.44 25.25
CA MET B 311 5.82 17.48 24.45
C MET B 311 6.85 18.44 23.86
N ALA B 312 6.68 18.77 22.58
CA ALA B 312 7.58 19.70 21.91
C ALA B 312 7.02 21.10 22.14
N VAL B 313 7.76 21.94 22.87
CA VAL B 313 7.28 23.28 23.17
C VAL B 313 7.61 24.34 22.11
N HIS C 28 -13.96 -15.52 0.91
CA HIS C 28 -13.49 -16.91 1.20
C HIS C 28 -12.11 -17.12 0.59
N GLY C 29 -11.46 -18.24 0.91
CA GLY C 29 -10.14 -18.51 0.39
C GLY C 29 -10.14 -19.51 -0.74
N GLU C 30 -11.18 -20.33 -0.80
CA GLU C 30 -11.33 -21.35 -1.83
C GLU C 30 -11.61 -20.72 -3.21
N LEU C 31 -11.86 -19.42 -3.22
CA LEU C 31 -12.14 -18.72 -4.48
C LEU C 31 -10.92 -18.61 -5.38
N GLN C 32 -9.74 -18.48 -4.78
CA GLN C 32 -8.51 -18.40 -5.55
C GLN C 32 -8.35 -19.66 -6.38
N TYR C 33 -8.49 -20.81 -5.73
CA TYR C 33 -8.39 -22.09 -6.43
C TYR C 33 -9.41 -22.12 -7.57
N LEU C 34 -10.68 -21.93 -7.25
CA LEU C 34 -11.72 -21.92 -8.27
C LEU C 34 -11.30 -21.04 -9.43
N GLY C 35 -10.89 -19.83 -9.11
CA GLY C 35 -10.46 -18.88 -10.12
C GLY C 35 -9.34 -19.39 -11.01
N GLN C 36 -8.34 -20.02 -10.42
CA GLN C 36 -7.22 -20.54 -11.21
C GLN C 36 -7.78 -21.53 -12.19
N ILE C 37 -8.83 -22.23 -11.80
CA ILE C 37 -9.46 -23.20 -12.66
C ILE C 37 -10.24 -22.45 -13.72
N GLN C 38 -10.90 -21.39 -13.29
CA GLN C 38 -11.68 -20.53 -14.17
C GLN C 38 -10.80 -19.95 -15.27
N HIS C 39 -9.55 -19.63 -14.92
CA HIS C 39 -8.57 -19.05 -15.85
C HIS C 39 -8.04 -20.11 -16.81
N ILE C 40 -7.49 -21.18 -16.26
CA ILE C 40 -6.94 -22.24 -17.09
C ILE C 40 -7.97 -22.70 -18.13
N LEU C 41 -9.23 -22.35 -17.93
CA LEU C 41 -10.27 -22.74 -18.86
C LEU C 41 -10.58 -21.69 -19.92
N ARG C 42 -10.40 -20.41 -19.59
CA ARG C 42 -10.73 -19.38 -20.57
C ARG C 42 -9.52 -18.71 -21.21
N CYS C 43 -8.32 -19.16 -20.87
CA CYS C 43 -7.11 -18.58 -21.43
C CYS C 43 -5.96 -19.58 -21.54
N GLY C 44 -6.21 -20.82 -21.13
CA GLY C 44 -5.17 -21.84 -21.20
C GLY C 44 -4.93 -22.20 -22.66
N VAL C 45 -3.97 -23.08 -22.91
CA VAL C 45 -3.68 -23.46 -24.30
C VAL C 45 -3.65 -24.97 -24.42
N GLU C 46 -4.09 -25.49 -25.57
CA GLU C 46 -4.06 -26.94 -25.76
C GLU C 46 -2.59 -27.40 -25.72
N LYS C 47 -2.34 -28.54 -25.07
CA LYS C 47 -1.00 -29.11 -24.97
C LYS C 47 -1.04 -30.64 -24.93
N ASP C 48 0.09 -31.28 -25.19
CA ASP C 48 0.16 -32.73 -25.12
C ASP C 48 0.94 -33.11 -23.88
N ASP C 49 0.93 -34.39 -23.54
CA ASP C 49 1.65 -34.85 -22.35
C ASP C 49 1.95 -36.31 -22.48
N ARG C 50 2.75 -36.83 -21.56
CA ARG C 50 3.11 -38.23 -21.61
C ARG C 50 1.93 -39.21 -21.59
N THR C 51 0.87 -38.89 -20.85
CA THR C 51 -0.28 -39.80 -20.74
C THR C 51 -1.01 -40.01 -22.05
N GLY C 52 -0.83 -39.08 -22.98
CA GLY C 52 -1.50 -39.20 -24.25
C GLY C 52 -2.87 -38.58 -24.13
N THR C 53 -3.26 -38.27 -22.91
CA THR C 53 -4.55 -37.65 -22.67
C THR C 53 -4.39 -36.20 -23.14
N GLY C 54 -5.43 -35.41 -23.05
CA GLY C 54 -5.30 -34.03 -23.47
C GLY C 54 -4.83 -33.17 -22.31
N THR C 55 -5.02 -31.85 -22.42
CA THR C 55 -4.64 -30.92 -21.36
C THR C 55 -4.64 -29.46 -21.75
N LEU C 56 -5.21 -28.63 -20.90
CA LEU C 56 -5.20 -27.19 -21.13
C LEU C 56 -4.20 -26.72 -20.07
N SER C 57 -3.22 -25.91 -20.45
CA SER C 57 -2.25 -25.49 -19.45
C SER C 57 -1.90 -24.01 -19.46
N VAL C 58 -1.25 -23.59 -18.37
CA VAL C 58 -0.81 -22.23 -18.14
C VAL C 58 0.49 -22.34 -17.36
N PHE C 59 1.43 -21.43 -17.58
CA PHE C 59 2.72 -21.49 -16.88
C PHE C 59 2.96 -20.35 -15.90
N GLY C 60 3.26 -20.69 -14.63
CA GLY C 60 3.50 -19.68 -13.63
C GLY C 60 2.21 -19.09 -13.06
N MET C 61 1.87 -19.48 -11.84
CA MET C 61 0.67 -19.02 -11.16
C MET C 61 1.00 -19.02 -9.69
N GLN C 62 0.32 -18.19 -8.90
CA GLN C 62 0.56 -18.12 -7.45
C GLN C 62 -0.64 -17.76 -6.59
N ALA C 63 -0.97 -18.64 -5.66
CA ALA C 63 -2.10 -18.41 -4.76
C ALA C 63 -1.58 -18.42 -3.32
N ARG C 64 -2.31 -17.78 -2.42
CA ARG C 64 -1.91 -17.71 -1.01
C ARG C 64 -3.07 -18.02 -0.06
N TYR C 65 -2.96 -19.14 0.65
CA TYR C 65 -4.01 -19.52 1.60
C TYR C 65 -3.59 -19.20 3.04
N SER C 66 -4.52 -18.63 3.81
CA SER C 66 -4.28 -18.28 5.22
C SER C 66 -4.49 -19.48 6.12
N LEU C 67 -3.53 -19.77 6.99
CA LEU C 67 -3.68 -20.91 7.89
C LEU C 67 -4.11 -20.56 9.32
N ARG C 68 -4.37 -19.27 9.57
CA ARG C 68 -4.78 -18.80 10.90
C ARG C 68 -6.22 -19.12 11.24
N ASP C 69 -6.40 -20.13 12.09
CA ASP C 69 -7.72 -20.56 12.52
C ASP C 69 -8.59 -21.08 11.38
N GLU C 70 -8.03 -22.02 10.62
CA GLU C 70 -8.73 -22.66 9.51
C GLU C 70 -7.77 -23.51 8.68
N PHE C 71 -8.32 -24.57 8.09
CA PHE C 71 -7.57 -25.54 7.29
C PHE C 71 -8.10 -25.53 5.87
N PRO C 72 -7.21 -25.41 4.88
CA PRO C 72 -7.62 -25.38 3.47
C PRO C 72 -8.09 -26.71 2.87
N LEU C 73 -9.19 -27.24 3.40
CA LEU C 73 -9.72 -28.49 2.86
C LEU C 73 -10.93 -28.12 2.00
N LEU C 74 -10.73 -28.04 0.68
CA LEU C 74 -11.78 -27.67 -0.27
C LEU C 74 -13.20 -28.09 0.13
N THR C 75 -14.19 -27.28 -0.22
CA THR C 75 -15.57 -27.58 0.16
C THR C 75 -16.51 -27.80 -1.02
N THR C 76 -16.20 -27.20 -2.16
CA THR C 76 -17.05 -27.34 -3.34
C THR C 76 -17.00 -28.76 -3.89
N LYS C 77 -16.26 -29.60 -3.18
CA LYS C 77 -16.07 -31.02 -3.53
C LYS C 77 -15.64 -31.68 -2.23
N ARG C 78 -15.81 -33.00 -2.14
CA ARG C 78 -15.42 -33.72 -0.93
C ARG C 78 -14.02 -34.27 -1.12
N VAL C 79 -13.11 -33.89 -0.23
CA VAL C 79 -11.74 -34.36 -0.34
C VAL C 79 -11.49 -35.56 0.56
N PHE C 80 -10.77 -36.54 0.03
CA PHE C 80 -10.44 -37.75 0.76
C PHE C 80 -9.41 -37.43 1.85
N TRP C 81 -9.83 -36.72 2.88
CA TRP C 81 -8.92 -36.34 3.96
C TRP C 81 -8.15 -37.52 4.55
N LYS C 82 -8.75 -38.70 4.53
CA LYS C 82 -8.08 -39.89 5.06
C LYS C 82 -6.75 -40.14 4.31
N GLY C 83 -6.82 -40.11 2.98
CA GLY C 83 -5.63 -40.33 2.15
C GLY C 83 -4.61 -39.24 2.33
N VAL C 84 -5.11 -38.01 2.45
CA VAL C 84 -4.23 -36.87 2.68
C VAL C 84 -3.37 -37.19 3.90
N LEU C 85 -4.02 -37.31 5.06
CA LEU C 85 -3.32 -37.60 6.32
C LEU C 85 -2.42 -38.83 6.28
N GLU C 86 -2.92 -39.92 5.69
CA GLU C 86 -2.13 -41.13 5.64
C GLU C 86 -0.85 -40.98 4.80
N GLU C 87 -0.98 -40.29 3.66
CA GLU C 87 0.15 -40.06 2.76
C GLU C 87 1.26 -39.28 3.44
N LEU C 88 0.90 -38.20 4.15
CA LEU C 88 1.90 -37.37 4.84
C LEU C 88 2.59 -38.20 5.92
N LEU C 89 1.80 -38.96 6.67
CA LEU C 89 2.38 -39.81 7.68
C LEU C 89 3.31 -40.77 6.98
N TRP C 90 2.89 -41.24 5.81
CA TRP C 90 3.66 -42.17 4.98
C TRP C 90 5.01 -41.56 4.52
N PHE C 91 5.00 -40.27 4.16
CA PHE C 91 6.22 -39.54 3.73
C PHE C 91 7.22 -39.40 4.87
N ILE C 92 6.78 -38.82 5.97
CA ILE C 92 7.64 -38.61 7.14
C ILE C 92 8.34 -39.89 7.50
N LYS C 93 7.65 -41.01 7.30
CA LYS C 93 8.18 -42.32 7.60
C LYS C 93 9.40 -42.63 6.73
N GLY C 94 9.44 -42.06 5.52
CA GLY C 94 10.55 -42.29 4.61
C GLY C 94 10.34 -43.52 3.74
N SER C 95 9.12 -44.04 3.77
CA SER C 95 8.75 -45.23 3.02
C SER C 95 8.64 -44.97 1.53
N THR C 96 8.77 -46.04 0.75
CA THR C 96 8.65 -45.95 -0.69
C THR C 96 7.79 -47.09 -1.24
N ASN C 97 7.33 -48.01 -0.38
CA ASN C 97 6.48 -49.14 -0.80
C ASN C 97 5.04 -48.69 -0.98
N ALA C 98 4.60 -48.54 -2.22
CA ALA C 98 3.24 -48.11 -2.47
C ALA C 98 2.30 -49.12 -1.85
N LYS C 99 2.86 -50.24 -1.40
CA LYS C 99 2.04 -51.26 -0.77
C LYS C 99 1.69 -50.81 0.64
N GLU C 100 2.69 -50.36 1.41
CA GLU C 100 2.45 -49.92 2.79
C GLU C 100 1.26 -48.98 2.93
N LEU C 101 1.22 -47.95 2.09
CA LEU C 101 0.12 -47.00 2.17
C LEU C 101 -1.18 -47.69 1.76
N SER C 102 -1.06 -48.68 0.87
CA SER C 102 -2.22 -49.41 0.40
C SER C 102 -2.80 -50.21 1.55
N SER C 103 -1.91 -50.71 2.40
CA SER C 103 -2.30 -51.50 3.56
C SER C 103 -3.24 -50.72 4.46
N LYS C 104 -3.02 -49.42 4.55
CA LYS C 104 -3.86 -48.57 5.40
C LYS C 104 -5.17 -48.21 4.71
N GLY C 105 -5.25 -48.50 3.41
CA GLY C 105 -6.47 -48.21 2.67
C GLY C 105 -6.41 -46.96 1.81
N VAL C 106 -5.19 -46.59 1.40
CA VAL C 106 -4.99 -45.43 0.56
C VAL C 106 -4.33 -45.92 -0.72
N LYS C 107 -5.14 -46.10 -1.75
CA LYS C 107 -4.68 -46.61 -3.03
C LYS C 107 -4.00 -45.60 -3.96
N ILE C 108 -4.15 -44.31 -3.67
CA ILE C 108 -3.59 -43.25 -4.50
C ILE C 108 -2.23 -43.48 -5.16
N TRP C 109 -1.41 -44.36 -4.62
CA TRP C 109 -0.11 -44.57 -5.26
C TRP C 109 0.12 -45.96 -5.85
N ASP C 110 -0.91 -46.79 -5.85
CA ASP C 110 -0.75 -48.15 -6.39
C ASP C 110 -0.58 -48.18 -7.90
N ALA C 111 -1.08 -47.15 -8.56
CA ALA C 111 -1.02 -47.02 -10.02
C ALA C 111 0.40 -46.97 -10.59
N ASN C 112 1.23 -46.07 -10.09
CA ASN C 112 2.59 -45.93 -10.59
C ASN C 112 3.58 -46.89 -9.94
N GLY C 113 3.04 -47.85 -9.21
CA GLY C 113 3.88 -48.83 -8.55
C GLY C 113 3.58 -50.19 -9.12
N SER C 114 2.49 -50.25 -9.88
CA SER C 114 2.01 -51.48 -10.51
C SER C 114 3.08 -52.18 -11.32
N ARG C 115 2.86 -53.46 -11.58
CA ARG C 115 3.80 -54.27 -12.34
C ARG C 115 3.96 -53.77 -13.77
N ASP C 116 2.83 -53.39 -14.38
CA ASP C 116 2.85 -52.91 -15.76
C ASP C 116 3.61 -51.59 -15.87
N PHE C 117 3.14 -50.59 -15.13
CA PHE C 117 3.75 -49.27 -15.15
C PHE C 117 5.25 -49.32 -14.87
N LEU C 118 5.65 -50.20 -13.97
CA LEU C 118 7.06 -50.32 -13.64
C LEU C 118 7.88 -50.99 -14.75
N ASP C 119 7.30 -51.96 -15.44
CA ASP C 119 8.01 -52.63 -16.52
C ASP C 119 8.20 -51.72 -17.74
N SER C 120 7.25 -50.83 -17.95
CA SER C 120 7.31 -49.90 -19.07
C SER C 120 8.44 -48.87 -18.97
N LEU C 121 9.09 -48.81 -17.82
CA LEU C 121 10.19 -47.88 -17.61
C LEU C 121 11.48 -48.66 -17.50
N GLY C 122 11.41 -49.96 -17.77
CA GLY C 122 12.60 -50.79 -17.69
C GLY C 122 12.99 -51.18 -16.28
N PHE C 123 12.02 -51.15 -15.37
CA PHE C 123 12.27 -51.52 -13.98
C PHE C 123 11.75 -52.94 -13.75
N SER C 124 11.80 -53.74 -14.81
CA SER C 124 11.32 -55.11 -14.79
C SER C 124 11.95 -56.07 -13.78
N THR C 125 12.88 -55.59 -12.96
CA THR C 125 13.48 -56.46 -11.96
C THR C 125 13.14 -55.99 -10.54
N ARG C 126 12.21 -55.05 -10.45
CA ARG C 126 11.77 -54.51 -9.17
C ARG C 126 10.49 -55.22 -8.75
N GLU C 127 10.22 -55.24 -7.46
CA GLU C 127 9.01 -55.87 -6.95
C GLU C 127 7.94 -54.80 -6.87
N GLU C 128 6.70 -55.15 -7.24
CA GLU C 128 5.59 -54.21 -7.23
C GLU C 128 5.64 -53.29 -6.03
N GLY C 129 5.21 -52.04 -6.25
CA GLY C 129 5.18 -51.08 -5.16
C GLY C 129 6.44 -50.33 -4.84
N ASP C 130 7.53 -50.55 -5.58
CA ASP C 130 8.77 -49.84 -5.31
C ASP C 130 8.91 -48.58 -6.18
N LEU C 131 8.34 -47.50 -5.67
CA LEU C 131 8.34 -46.20 -6.34
C LEU C 131 9.72 -45.66 -6.62
N GLY C 132 10.71 -46.10 -5.84
CA GLY C 132 12.06 -45.62 -6.05
C GLY C 132 12.38 -44.41 -5.18
N PRO C 133 13.61 -43.87 -5.26
CA PRO C 133 14.05 -42.71 -4.48
C PRO C 133 13.17 -41.48 -4.62
N VAL C 134 11.95 -41.57 -4.07
CA VAL C 134 10.99 -40.47 -4.12
C VAL C 134 10.73 -39.82 -2.77
N TYR C 135 9.88 -38.80 -2.78
CA TYR C 135 9.52 -38.02 -1.59
C TYR C 135 10.17 -38.43 -0.27
N GLY C 136 9.55 -39.39 0.42
CA GLY C 136 10.08 -39.81 1.70
C GLY C 136 11.60 -40.00 1.80
N PHE C 137 12.14 -40.78 0.86
CA PHE C 137 13.55 -41.07 0.82
C PHE C 137 14.42 -39.84 0.62
N GLN C 138 13.92 -38.87 -0.14
CA GLN C 138 14.66 -37.64 -0.39
C GLN C 138 14.65 -36.75 0.85
N TRP C 139 13.46 -36.60 1.45
CA TRP C 139 13.28 -35.79 2.65
C TRP C 139 14.21 -36.18 3.81
N ARG C 140 14.37 -37.49 4.02
CA ARG C 140 15.20 -38.00 5.12
C ARG C 140 16.58 -38.54 4.79
N HIS C 141 16.77 -39.06 3.60
CA HIS C 141 18.07 -39.63 3.24
C HIS C 141 18.60 -39.13 1.90
N PHE C 142 18.59 -37.82 1.70
CA PHE C 142 19.03 -37.23 0.43
C PHE C 142 20.33 -37.81 -0.12
N GLY C 143 21.44 -37.58 0.56
CA GLY C 143 22.68 -38.14 0.05
C GLY C 143 22.60 -39.61 -0.35
N ALA C 144 22.11 -40.43 0.57
CA ALA C 144 21.96 -41.88 0.41
C ALA C 144 21.94 -42.48 -0.98
N GLU C 145 22.57 -43.64 -1.11
CA GLU C 145 22.60 -44.38 -2.37
C GLU C 145 21.48 -45.40 -2.33
N TYR C 146 20.42 -45.15 -3.09
CA TYR C 146 19.26 -46.04 -3.14
C TYR C 146 19.58 -47.39 -3.71
N ARG C 147 18.71 -48.34 -3.41
CA ARG C 147 18.86 -49.72 -3.88
C ARG C 147 17.81 -50.57 -3.17
N ASP C 148 16.64 -50.73 -3.80
CA ASP C 148 15.58 -51.55 -3.21
C ASP C 148 14.75 -50.83 -2.13
N MET C 149 13.44 -50.99 -2.22
CA MET C 149 12.49 -50.35 -1.30
C MET C 149 12.44 -50.89 0.11
N GLU C 150 13.24 -51.90 0.43
CA GLU C 150 13.21 -52.44 1.78
C GLU C 150 14.56 -52.53 2.47
N SER C 151 15.50 -51.69 2.04
CA SER C 151 16.83 -51.68 2.65
C SER C 151 16.81 -50.70 3.81
N ASP C 152 17.76 -50.85 4.73
CA ASP C 152 17.85 -49.96 5.88
C ASP C 152 18.72 -48.75 5.54
N TYR C 153 18.08 -47.59 5.50
CA TYR C 153 18.76 -46.34 5.15
C TYR C 153 18.98 -45.42 6.35
N SER C 154 18.79 -45.95 7.55
CA SER C 154 18.95 -45.14 8.75
C SER C 154 20.39 -44.72 8.92
N GLY C 155 20.60 -43.53 9.45
CA GLY C 155 21.95 -43.04 9.68
C GLY C 155 22.67 -42.49 8.47
N GLN C 156 22.37 -43.01 7.28
CA GLN C 156 23.02 -42.52 6.07
C GLN C 156 22.10 -41.55 5.34
N GLY C 157 22.69 -40.65 4.56
CA GLY C 157 21.89 -39.67 3.84
C GLY C 157 21.76 -38.43 4.71
N VAL C 158 21.11 -37.39 4.20
CA VAL C 158 20.95 -36.16 4.98
C VAL C 158 19.46 -35.86 5.21
N ASP C 159 19.08 -35.74 6.48
CA ASP C 159 17.69 -35.49 6.88
C ASP C 159 17.27 -34.03 6.82
N GLN C 160 16.65 -33.64 5.72
CA GLN C 160 16.21 -32.26 5.55
C GLN C 160 15.09 -31.89 6.52
N LEU C 161 14.11 -32.78 6.64
CA LEU C 161 12.95 -32.57 7.50
C LEU C 161 13.38 -32.17 8.90
N GLN C 162 14.33 -32.88 9.46
CA GLN C 162 14.78 -32.57 10.82
C GLN C 162 15.62 -31.30 10.83
N ARG C 163 16.58 -31.20 9.89
CA ARG C 163 17.45 -30.02 9.80
C ARG C 163 16.60 -28.76 9.85
N VAL C 164 15.48 -28.79 9.14
CA VAL C 164 14.54 -27.67 9.06
C VAL C 164 13.94 -27.30 10.42
N ILE C 165 13.53 -28.33 11.15
CA ILE C 165 12.91 -28.17 12.47
C ILE C 165 13.85 -27.51 13.48
N ASP C 166 15.07 -28.01 13.56
CA ASP C 166 16.06 -27.47 14.50
C ASP C 166 16.41 -26.02 14.18
N THR C 167 16.35 -25.66 12.92
CA THR C 167 16.67 -24.30 12.56
C THR C 167 15.59 -23.37 13.06
N ILE C 168 14.32 -23.73 12.82
CA ILE C 168 13.18 -22.92 13.26
C ILE C 168 13.32 -22.68 14.75
N LYS C 169 13.75 -23.71 15.47
CA LYS C 169 13.92 -23.63 16.91
C LYS C 169 15.07 -22.73 17.33
N THR C 170 16.25 -22.95 16.78
CA THR C 170 17.41 -22.16 17.16
C THR C 170 17.59 -20.83 16.44
N ASN C 171 17.47 -20.83 15.11
CA ASN C 171 17.66 -19.61 14.35
C ASN C 171 16.55 -19.36 13.33
N PRO C 172 15.46 -18.74 13.78
CA PRO C 172 14.24 -18.37 13.05
C PRO C 172 14.39 -17.44 11.85
N ASP C 173 15.37 -16.54 11.90
CA ASP C 173 15.55 -15.61 10.81
C ASP C 173 16.25 -16.15 9.57
N ASP C 174 16.85 -17.33 9.69
CA ASP C 174 17.55 -17.96 8.58
C ASP C 174 16.74 -17.90 7.28
N ARG C 175 17.41 -17.58 6.18
CA ARG C 175 16.71 -17.52 4.88
C ARG C 175 17.10 -18.72 4.03
N ARG C 176 17.45 -19.82 4.68
CA ARG C 176 17.85 -21.05 3.99
C ARG C 176 17.08 -22.30 4.50
N ILE C 177 15.93 -22.10 5.13
CA ILE C 177 15.14 -23.24 5.63
C ILE C 177 14.44 -23.89 4.45
N ILE C 178 15.19 -24.65 3.68
CA ILE C 178 14.66 -25.30 2.50
C ILE C 178 14.71 -26.81 2.58
N MET C 179 13.67 -27.45 2.05
CA MET C 179 13.58 -28.89 1.99
C MET C 179 13.37 -29.14 0.49
N CYS C 180 14.31 -29.85 -0.12
CA CYS C 180 14.25 -30.12 -1.55
C CYS C 180 14.16 -31.58 -1.95
N ALA C 181 13.16 -31.91 -2.77
CA ALA C 181 12.95 -33.27 -3.23
C ALA C 181 13.62 -33.56 -4.58
N TRP C 182 13.80 -32.53 -5.38
CA TRP C 182 14.42 -32.67 -6.69
C TRP C 182 15.90 -33.01 -6.56
N ASN C 183 16.24 -34.23 -6.91
CA ASN C 183 17.61 -34.69 -6.83
C ASN C 183 18.05 -35.24 -8.18
N PRO C 184 18.57 -34.38 -9.06
CA PRO C 184 19.03 -34.75 -10.41
C PRO C 184 19.66 -36.12 -10.57
N ARG C 185 20.58 -36.46 -9.68
CA ARG C 185 21.25 -37.76 -9.76
C ARG C 185 20.30 -38.95 -9.80
N ASP C 186 19.22 -38.90 -9.02
CA ASP C 186 18.26 -40.00 -8.91
C ASP C 186 17.04 -40.03 -9.86
N LEU C 187 16.77 -38.93 -10.55
CA LEU C 187 15.64 -38.85 -11.48
C LEU C 187 15.31 -40.11 -12.27
N PRO C 188 16.32 -40.74 -12.88
CA PRO C 188 16.16 -41.95 -13.67
C PRO C 188 15.67 -43.20 -12.94
N LEU C 189 15.72 -43.15 -11.61
CA LEU C 189 15.29 -44.28 -10.82
C LEU C 189 13.86 -44.11 -10.31
N MET C 190 13.40 -42.86 -10.33
CA MET C 190 12.06 -42.54 -9.87
C MET C 190 11.00 -43.00 -10.87
N ALA C 191 9.94 -43.63 -10.36
CA ALA C 191 8.86 -44.10 -11.21
C ALA C 191 7.97 -42.93 -11.60
N LEU C 192 8.13 -41.81 -10.92
CA LEU C 192 7.32 -40.63 -11.19
C LEU C 192 7.86 -39.50 -10.32
N PRO C 193 8.68 -38.60 -10.90
CA PRO C 193 9.31 -37.45 -10.25
C PRO C 193 8.45 -36.61 -9.32
N PRO C 194 9.09 -35.91 -8.39
CA PRO C 194 8.42 -35.06 -7.41
C PRO C 194 7.67 -33.93 -8.08
N CYS C 195 6.34 -33.89 -7.92
CA CYS C 195 5.57 -32.81 -8.50
C CYS C 195 5.75 -31.61 -7.57
N HIS C 196 5.77 -31.87 -6.27
CA HIS C 196 6.06 -30.83 -5.29
C HIS C 196 7.55 -31.08 -5.09
N ALA C 197 8.33 -30.20 -5.69
CA ALA C 197 9.78 -30.30 -5.71
C ALA C 197 10.55 -29.55 -4.66
N LEU C 198 9.99 -28.48 -4.13
CA LEU C 198 10.74 -27.75 -3.13
C LEU C 198 9.85 -26.84 -2.31
N CYS C 199 10.12 -26.75 -1.01
CA CYS C 199 9.33 -25.88 -0.14
C CYS C 199 10.28 -25.17 0.81
N GLN C 200 9.87 -23.99 1.26
CA GLN C 200 10.69 -23.17 2.16
C GLN C 200 9.83 -22.55 3.25
N PHE C 201 10.39 -22.51 4.46
CA PHE C 201 9.69 -21.95 5.61
C PHE C 201 10.29 -20.61 6.01
N TYR C 202 9.43 -19.76 6.54
CA TYR C 202 9.80 -18.43 6.96
C TYR C 202 9.02 -18.13 8.24
N VAL C 203 9.68 -17.55 9.24
CA VAL C 203 9.02 -17.23 10.51
C VAL C 203 9.17 -15.76 10.87
N VAL C 204 8.05 -15.16 11.23
CA VAL C 204 8.03 -13.77 11.64
C VAL C 204 6.98 -13.62 12.74
N ASN C 205 7.35 -12.93 13.80
CA ASN C 205 6.45 -12.70 14.92
C ASN C 205 5.59 -13.91 15.28
N SER C 206 6.19 -14.86 16.00
CA SER C 206 5.51 -16.07 16.45
C SER C 206 4.82 -16.97 15.41
N GLU C 207 4.61 -16.50 14.18
CA GLU C 207 3.97 -17.37 13.18
C GLU C 207 4.89 -17.92 12.09
N LEU C 208 4.65 -19.20 11.76
CA LEU C 208 5.39 -19.97 10.76
C LEU C 208 4.63 -20.10 9.45
N SER C 209 5.26 -19.70 8.35
CA SER C 209 4.66 -19.78 7.01
C SER C 209 5.46 -20.73 6.14
N CYS C 210 4.84 -21.18 5.05
CA CYS C 210 5.49 -22.10 4.13
C CYS C 210 5.10 -21.90 2.67
N GLN C 211 6.10 -21.87 1.79
CA GLN C 211 5.84 -21.73 0.36
C GLN C 211 6.26 -22.98 -0.39
N LEU C 212 5.46 -23.33 -1.40
CA LEU C 212 5.70 -24.53 -2.21
C LEU C 212 5.85 -24.24 -3.70
N TYR C 213 6.80 -24.92 -4.32
CA TYR C 213 7.01 -24.80 -5.76
C TYR C 213 6.62 -26.15 -6.34
N GLN C 214 5.51 -26.16 -7.06
CA GLN C 214 5.00 -27.38 -7.68
C GLN C 214 5.17 -27.28 -9.19
N ARG C 215 6.25 -27.89 -9.70
CA ARG C 215 6.57 -27.86 -11.11
C ARG C 215 5.40 -28.33 -11.97
N SER C 216 4.63 -29.29 -11.46
CA SER C 216 3.51 -29.83 -12.21
C SER C 216 2.26 -29.97 -11.34
N GLY C 217 1.13 -29.47 -11.84
CA GLY C 217 -0.10 -29.56 -11.08
C GLY C 217 -1.36 -30.03 -11.78
N ASP C 218 -1.88 -31.19 -11.38
CA ASP C 218 -3.12 -31.74 -11.92
C ASP C 218 -4.23 -31.05 -11.12
N MET C 219 -4.68 -29.92 -11.65
CA MET C 219 -5.70 -29.08 -11.04
C MET C 219 -6.96 -29.76 -10.50
N GLY C 220 -7.31 -30.92 -11.06
CA GLY C 220 -8.51 -31.63 -10.63
C GLY C 220 -8.33 -32.70 -9.57
N LEU C 221 -7.20 -33.39 -9.59
CA LEU C 221 -6.96 -34.43 -8.61
C LEU C 221 -5.94 -34.10 -7.54
N GLY C 222 -4.68 -34.06 -7.95
CA GLY C 222 -3.59 -33.80 -7.01
C GLY C 222 -3.50 -32.48 -6.27
N VAL C 223 -3.73 -31.38 -6.97
CA VAL C 223 -3.62 -30.08 -6.32
C VAL C 223 -4.44 -30.00 -5.03
N PRO C 224 -5.77 -30.20 -5.10
CA PRO C 224 -6.58 -30.13 -3.89
C PRO C 224 -5.95 -30.93 -2.77
N PHE C 225 -5.45 -32.12 -3.11
CA PHE C 225 -4.80 -33.01 -2.15
C PHE C 225 -3.51 -32.38 -1.64
N ASN C 226 -2.78 -31.75 -2.56
CA ASN C 226 -1.51 -31.15 -2.24
C ASN C 226 -1.61 -29.95 -1.30
N ILE C 227 -2.61 -29.10 -1.52
CA ILE C 227 -2.79 -27.92 -0.70
C ILE C 227 -3.02 -28.30 0.76
N ALA C 228 -3.78 -29.36 0.97
CA ALA C 228 -4.08 -29.85 2.31
C ALA C 228 -2.87 -30.51 2.96
N SER C 229 -2.07 -31.22 2.17
CA SER C 229 -0.90 -31.91 2.69
C SER C 229 0.15 -30.96 3.23
N TYR C 230 0.33 -29.82 2.59
CA TYR C 230 1.31 -28.85 3.06
C TYR C 230 0.80 -27.99 4.20
N ALA C 231 -0.50 -27.74 4.21
CA ALA C 231 -1.08 -26.97 5.31
C ALA C 231 -0.96 -27.84 6.57
N LEU C 232 -1.22 -29.14 6.43
CA LEU C 232 -1.10 -30.07 7.55
C LEU C 232 0.34 -30.09 8.05
N LEU C 233 1.31 -30.32 7.16
CA LEU C 233 2.73 -30.35 7.53
C LEU C 233 3.12 -29.08 8.28
N THR C 234 2.60 -27.94 7.83
CA THR C 234 2.90 -26.69 8.51
C THR C 234 2.35 -26.79 9.94
N TYR C 235 1.07 -27.14 10.10
CA TYR C 235 0.47 -27.28 11.43
C TYR C 235 1.32 -28.15 12.34
N MET C 236 1.73 -29.31 11.83
CA MET C 236 2.55 -30.25 12.58
C MET C 236 3.85 -29.60 13.04
N ILE C 237 4.55 -28.94 12.12
CA ILE C 237 5.80 -28.27 12.45
C ILE C 237 5.58 -27.17 13.50
N ALA C 238 4.59 -26.33 13.27
CA ALA C 238 4.28 -25.23 14.17
C ALA C 238 4.04 -25.66 15.61
N HIS C 239 3.43 -26.84 15.74
CA HIS C 239 3.09 -27.44 17.03
C HIS C 239 4.31 -27.89 17.83
N ILE C 240 5.24 -28.56 17.15
CA ILE C 240 6.47 -29.06 17.77
C ILE C 240 7.47 -27.96 18.10
N THR C 241 7.36 -26.84 17.41
CA THR C 241 8.25 -25.72 17.61
C THR C 241 7.56 -24.63 18.43
N GLY C 242 6.28 -24.84 18.67
CA GLY C 242 5.52 -23.89 19.45
C GLY C 242 5.25 -22.56 18.79
N LEU C 243 4.78 -22.60 17.54
CA LEU C 243 4.48 -21.36 16.85
C LEU C 243 3.06 -21.44 16.35
N LYS C 244 2.56 -20.33 15.78
CA LYS C 244 1.22 -20.27 15.24
C LYS C 244 1.29 -20.29 13.71
N PRO C 245 0.58 -21.25 13.05
CA PRO C 245 0.62 -21.31 11.60
C PRO C 245 0.24 -19.98 10.92
N GLY C 246 0.97 -19.61 9.87
CA GLY C 246 0.68 -18.37 9.16
C GLY C 246 0.05 -18.52 7.78
N ASP C 247 0.88 -18.43 6.75
CA ASP C 247 0.41 -18.55 5.37
C ASP C 247 1.02 -19.71 4.61
N PHE C 248 0.25 -20.27 3.67
CA PHE C 248 0.71 -21.35 2.80
C PHE C 248 0.70 -20.75 1.41
N ILE C 249 1.87 -20.52 0.84
CA ILE C 249 1.93 -19.94 -0.48
C ILE C 249 2.18 -21.02 -1.52
N HIS C 250 1.28 -21.11 -2.50
CA HIS C 250 1.34 -22.14 -3.54
C HIS C 250 1.77 -21.60 -4.90
N THR C 251 2.95 -21.98 -5.35
CA THR C 251 3.45 -21.51 -6.64
C THR C 251 3.48 -22.62 -7.68
N LEU C 252 2.72 -22.43 -8.77
CA LEU C 252 2.63 -23.44 -9.81
C LEU C 252 3.55 -23.20 -10.99
N GLY C 253 3.83 -24.29 -11.69
CA GLY C 253 4.65 -24.25 -12.89
C GLY C 253 3.65 -24.54 -14.01
N ASP C 254 3.60 -25.80 -14.46
CA ASP C 254 2.65 -26.17 -15.50
C ASP C 254 1.36 -26.56 -14.82
N ALA C 255 0.48 -25.58 -14.63
CA ALA C 255 -0.80 -25.85 -14.01
C ALA C 255 -1.76 -26.24 -15.12
N HIS C 256 -2.05 -27.53 -15.24
CA HIS C 256 -2.93 -27.98 -16.30
C HIS C 256 -4.27 -28.55 -15.83
N ILE C 257 -5.10 -28.89 -16.80
CA ILE C 257 -6.41 -29.48 -16.53
C ILE C 257 -6.57 -30.54 -17.60
N TYR C 258 -6.52 -31.81 -17.23
CA TYR C 258 -6.71 -32.84 -18.24
C TYR C 258 -8.07 -32.63 -18.88
N LEU C 259 -8.13 -32.79 -20.21
CA LEU C 259 -9.35 -32.59 -21.00
C LEU C 259 -10.61 -33.32 -20.54
N ASN C 260 -10.43 -34.51 -19.99
CA ASN C 260 -11.54 -35.33 -19.51
C ASN C 260 -11.96 -34.91 -18.11
N HIS C 261 -11.51 -33.72 -17.70
CA HIS C 261 -11.85 -33.18 -16.39
C HIS C 261 -12.67 -31.91 -16.55
N ILE C 262 -12.73 -31.40 -17.77
CA ILE C 262 -13.45 -30.16 -18.05
C ILE C 262 -14.93 -30.13 -17.65
N GLU C 263 -15.68 -31.16 -18.02
CA GLU C 263 -17.11 -31.24 -17.66
C GLU C 263 -17.25 -31.19 -16.15
N PRO C 264 -16.58 -32.12 -15.44
CA PRO C 264 -16.64 -32.17 -13.98
C PRO C 264 -16.32 -30.83 -13.31
N LEU C 265 -15.10 -30.33 -13.53
CA LEU C 265 -14.67 -29.07 -12.93
C LEU C 265 -15.67 -27.95 -13.21
N LYS C 266 -16.32 -28.03 -14.37
CA LYS C 266 -17.29 -27.02 -14.79
C LYS C 266 -18.53 -27.01 -13.88
N ILE C 267 -18.79 -28.14 -13.23
CA ILE C 267 -19.91 -28.25 -12.30
C ILE C 267 -19.42 -27.64 -10.98
N GLN C 268 -18.35 -28.23 -10.46
CA GLN C 268 -17.75 -27.79 -9.21
C GLN C 268 -17.60 -26.26 -9.18
N LEU C 269 -17.45 -25.66 -10.34
CA LEU C 269 -17.29 -24.21 -10.43
C LEU C 269 -18.58 -23.46 -10.14
N GLN C 270 -19.70 -24.17 -10.18
CA GLN C 270 -20.97 -23.53 -9.92
C GLN C 270 -21.49 -23.79 -8.53
N ARG C 271 -20.61 -24.24 -7.64
CA ARG C 271 -21.00 -24.54 -6.27
C ARG C 271 -20.57 -23.43 -5.27
N GLU C 272 -21.45 -23.14 -4.30
CA GLU C 272 -21.16 -22.12 -3.29
C GLU C 272 -20.22 -22.70 -2.25
N PRO C 273 -19.19 -21.95 -1.85
CA PRO C 273 -18.26 -22.49 -0.85
C PRO C 273 -18.70 -22.20 0.58
N ARG C 274 -18.61 -23.21 1.44
CA ARG C 274 -18.97 -23.08 2.83
C ARG C 274 -17.66 -22.83 3.56
N PRO C 275 -17.73 -22.43 4.83
CA PRO C 275 -16.54 -22.15 5.65
C PRO C 275 -15.52 -23.28 5.71
N PHE C 276 -14.24 -22.92 5.62
CA PHE C 276 -13.19 -23.93 5.71
C PHE C 276 -13.30 -24.55 7.08
N PRO C 277 -13.01 -25.85 7.21
CA PRO C 277 -13.09 -26.53 8.50
C PRO C 277 -12.00 -26.07 9.47
N LYS C 278 -11.92 -26.74 10.61
CA LYS C 278 -10.90 -26.45 11.60
C LYS C 278 -10.28 -27.78 11.96
N LEU C 279 -8.96 -27.78 12.14
CA LEU C 279 -8.26 -29.00 12.47
C LEU C 279 -7.63 -28.92 13.85
N ARG C 280 -7.80 -29.98 14.67
CA ARG C 280 -7.22 -29.96 16.00
C ARG C 280 -6.25 -31.12 16.24
N ILE C 281 -5.28 -30.87 17.10
CA ILE C 281 -4.29 -31.88 17.48
C ILE C 281 -4.58 -32.13 18.96
N LEU C 282 -5.20 -33.26 19.24
CA LEU C 282 -5.59 -33.62 20.60
C LEU C 282 -4.57 -34.42 21.38
N ARG C 283 -3.45 -33.78 21.68
CA ARG C 283 -2.36 -34.42 22.42
C ARG C 283 -1.03 -33.80 22.02
N LYS C 284 -0.33 -33.18 22.96
CA LYS C 284 0.96 -32.55 22.67
C LYS C 284 2.07 -33.54 22.36
N VAL C 285 2.65 -33.40 21.18
CA VAL C 285 3.75 -34.26 20.73
C VAL C 285 5.00 -33.43 20.47
N GLU C 286 6.17 -33.96 20.81
CA GLU C 286 7.41 -33.22 20.62
C GLU C 286 8.42 -33.81 19.63
N LYS C 287 8.01 -34.83 18.90
CA LYS C 287 8.88 -35.45 17.90
C LYS C 287 7.97 -35.64 16.68
N ILE C 288 8.40 -35.18 15.51
CA ILE C 288 7.57 -35.30 14.32
C ILE C 288 7.27 -36.75 13.94
N ASP C 289 8.01 -37.67 14.55
CA ASP C 289 7.81 -39.09 14.28
C ASP C 289 6.82 -39.76 15.25
N ASP C 290 6.46 -39.06 16.32
CA ASP C 290 5.52 -39.60 17.31
C ASP C 290 4.07 -39.47 16.86
N PHE C 291 3.84 -38.65 15.84
CA PHE C 291 2.50 -38.45 15.34
C PHE C 291 1.82 -39.74 14.86
N LYS C 292 0.55 -39.88 15.25
CA LYS C 292 -0.26 -41.01 14.86
C LYS C 292 -1.53 -40.43 14.22
N ALA C 293 -2.21 -41.20 13.39
CA ALA C 293 -3.43 -40.71 12.74
C ALA C 293 -4.49 -40.25 13.74
N GLU C 294 -4.49 -40.82 14.94
CA GLU C 294 -5.49 -40.47 15.96
C GLU C 294 -5.25 -39.13 16.63
N ASP C 295 -4.09 -38.55 16.41
CA ASP C 295 -3.77 -37.26 17.01
C ASP C 295 -4.47 -36.11 16.30
N PHE C 296 -4.98 -36.36 15.10
CA PHE C 296 -5.65 -35.31 14.33
C PHE C 296 -7.12 -35.55 14.14
N GLN C 297 -7.88 -34.47 14.22
CA GLN C 297 -9.33 -34.52 14.06
C GLN C 297 -9.82 -33.22 13.42
N ILE C 298 -10.75 -33.35 12.48
CA ILE C 298 -11.27 -32.16 11.81
C ILE C 298 -12.67 -31.82 12.32
N GLU C 299 -12.99 -30.53 12.34
CA GLU C 299 -14.28 -30.07 12.81
C GLU C 299 -14.90 -29.03 11.87
N GLY C 300 -16.18 -29.21 11.54
CA GLY C 300 -16.86 -28.25 10.70
C GLY C 300 -16.79 -28.44 9.20
N TYR C 301 -16.61 -29.69 8.77
CA TYR C 301 -16.51 -30.01 7.35
C TYR C 301 -17.88 -30.35 6.74
N ASN C 302 -18.46 -29.39 6.00
CA ASN C 302 -19.76 -29.56 5.33
C ASN C 302 -19.54 -29.39 3.84
N PRO C 303 -18.80 -30.32 3.22
CA PRO C 303 -18.54 -30.22 1.79
C PRO C 303 -19.71 -30.57 0.89
N HIS C 304 -19.66 -30.08 -0.34
CA HIS C 304 -20.68 -30.40 -1.33
C HIS C 304 -20.30 -31.82 -1.76
N PRO C 305 -21.28 -32.60 -2.20
CA PRO C 305 -21.04 -33.98 -2.64
C PRO C 305 -19.83 -34.18 -3.55
N THR C 306 -19.30 -35.39 -3.52
CA THR C 306 -18.14 -35.77 -4.31
C THR C 306 -18.30 -35.56 -5.80
N ILE C 307 -17.17 -35.54 -6.49
CA ILE C 307 -17.12 -35.38 -7.94
C ILE C 307 -16.05 -36.35 -8.43
N LYS C 308 -16.46 -37.36 -9.19
CA LYS C 308 -15.51 -38.34 -9.69
C LYS C 308 -14.77 -37.87 -10.93
N MET C 309 -13.44 -38.08 -10.93
CA MET C 309 -12.57 -37.71 -12.04
C MET C 309 -11.53 -38.81 -12.19
N GLU C 310 -11.37 -39.29 -13.42
CA GLU C 310 -10.42 -40.36 -13.69
C GLU C 310 -8.97 -39.87 -13.69
N MET C 311 -8.08 -40.73 -13.21
CA MET C 311 -6.67 -40.40 -13.15
C MET C 311 -5.94 -40.72 -14.46
N ALA C 312 -5.10 -39.78 -14.90
CA ALA C 312 -4.32 -39.97 -16.12
C ALA C 312 -3.04 -40.69 -15.71
N VAL C 313 -2.85 -41.92 -16.19
CA VAL C 313 -1.66 -42.67 -15.83
C VAL C 313 -0.43 -42.44 -16.72
N HIS D 28 4.18 -0.08 -18.92
CA HIS D 28 5.59 -0.54 -18.92
C HIS D 28 5.72 -1.82 -18.08
N GLY D 29 6.88 -2.45 -18.13
CA GLY D 29 7.08 -3.68 -17.36
C GLY D 29 7.89 -3.47 -16.10
N GLU D 30 8.69 -2.41 -16.09
CA GLU D 30 9.54 -2.06 -14.96
C GLU D 30 8.72 -1.59 -13.76
N LEU D 31 7.42 -1.38 -13.97
CA LEU D 31 6.54 -0.93 -12.90
C LEU D 31 6.30 -1.99 -11.83
N GLN D 32 6.28 -3.26 -12.25
CA GLN D 32 6.09 -4.36 -11.32
C GLN D 32 7.21 -4.35 -10.30
N TYR D 33 8.44 -4.27 -10.78
CA TYR D 33 9.60 -4.22 -9.90
C TYR D 33 9.45 -3.04 -8.93
N LEU D 34 9.30 -1.84 -9.49
CA LEU D 34 9.13 -0.65 -8.66
C LEU D 34 8.10 -0.92 -7.58
N GLY D 35 6.94 -1.41 -8.01
CA GLY D 35 5.86 -1.70 -7.09
C GLY D 35 6.23 -2.65 -5.98
N GLN D 36 6.96 -3.71 -6.30
CA GLN D 36 7.36 -4.67 -5.28
C GLN D 36 8.18 -3.95 -4.26
N ILE D 37 8.92 -2.94 -4.71
CA ILE D 37 9.76 -2.16 -3.82
C ILE D 37 8.85 -1.24 -3.01
N GLN D 38 7.86 -0.69 -3.69
CA GLN D 38 6.88 0.19 -3.10
C GLN D 38 6.14 -0.53 -1.96
N HIS D 39 5.89 -1.83 -2.15
CA HIS D 39 5.19 -2.66 -1.17
C HIS D 39 6.09 -3.01 0.00
N ILE D 40 7.24 -3.59 -0.29
CA ILE D 40 8.17 -3.97 0.77
C ILE D 40 8.45 -2.78 1.69
N LEU D 41 8.13 -1.58 1.23
CA LEU D 41 8.37 -0.40 2.03
C LEU D 41 7.17 0.05 2.85
N ARG D 42 5.96 -0.17 2.44
CA ARG D 42 4.82 0.30 3.28
C ARG D 42 4.03 -0.86 3.89
N CYS D 43 4.54 -2.12 3.78
CA CYS D 43 3.89 -3.24 4.44
C CYS D 43 4.87 -4.33 4.87
N GLY D 44 6.15 -4.11 4.61
CA GLY D 44 7.16 -5.09 5.00
C GLY D 44 7.30 -5.10 6.51
N VAL D 45 8.14 -5.98 7.05
CA VAL D 45 8.31 -6.03 8.50
C VAL D 45 9.78 -6.00 8.85
N GLU D 46 10.13 -5.37 9.96
CA GLU D 46 11.53 -5.32 10.38
C GLU D 46 12.00 -6.76 10.63
N LYS D 47 13.22 -7.08 10.22
CA LYS D 47 13.81 -8.40 10.41
C LYS D 47 15.33 -8.31 10.59
N ASP D 48 15.93 -9.38 11.12
CA ASP D 48 17.38 -9.41 11.28
C ASP D 48 17.95 -10.36 10.24
N ASP D 49 19.27 -10.36 10.09
CA ASP D 49 19.89 -11.25 9.11
C ASP D 49 21.33 -11.47 9.51
N ARG D 50 21.98 -12.40 8.81
CA ARG D 50 23.36 -12.71 9.12
C ARG D 50 24.33 -11.51 9.06
N THR D 51 24.12 -10.59 8.13
CA THR D 51 25.02 -9.44 7.98
C THR D 51 25.03 -8.51 9.16
N GLY D 52 23.97 -8.58 9.96
CA GLY D 52 23.90 -7.71 11.11
C GLY D 52 23.30 -6.39 10.69
N THR D 53 23.16 -6.21 9.39
CA THR D 53 22.57 -4.99 8.85
C THR D 53 21.08 -5.13 9.13
N GLY D 54 20.29 -4.13 8.76
CA GLY D 54 18.86 -4.24 8.98
C GLY D 54 18.20 -4.91 7.81
N THR D 55 16.88 -4.74 7.68
CA THR D 55 16.11 -5.32 6.57
C THR D 55 14.62 -5.30 6.73
N LEU D 56 13.92 -4.89 5.69
CA LEU D 56 12.46 -4.92 5.71
C LEU D 56 12.16 -6.07 4.77
N SER D 57 11.31 -7.02 5.17
CA SER D 57 11.05 -8.14 4.29
C SER D 57 9.58 -8.53 4.14
N VAL D 58 9.35 -9.35 3.13
CA VAL D 58 8.03 -9.87 2.77
C VAL D 58 8.28 -11.26 2.23
N PHE D 59 7.34 -12.19 2.45
CA PHE D 59 7.52 -13.57 1.99
C PHE D 59 6.54 -14.00 0.90
N GLY D 60 7.07 -14.48 -0.22
CA GLY D 60 6.23 -14.90 -1.33
C GLY D 60 5.71 -13.74 -2.18
N MET D 61 6.29 -13.59 -3.36
CA MET D 61 5.92 -12.52 -4.28
C MET D 61 6.14 -13.08 -5.67
N GLN D 62 5.43 -12.55 -6.66
CA GLN D 62 5.59 -13.02 -8.06
C GLN D 62 5.35 -11.98 -9.14
N ALA D 63 6.35 -11.77 -9.98
CA ALA D 63 6.25 -10.81 -11.07
C ALA D 63 6.48 -11.55 -12.38
N ARG D 64 5.99 -10.98 -13.48
CA ARG D 64 6.13 -11.60 -14.79
C ARG D 64 6.57 -10.61 -15.86
N TYR D 65 7.78 -10.78 -16.38
CA TYR D 65 8.29 -9.89 -17.41
C TYR D 65 8.20 -10.53 -18.80
N SER D 66 7.74 -9.75 -19.79
CA SER D 66 7.61 -10.23 -21.17
C SER D 66 8.93 -10.12 -21.92
N LEU D 67 9.36 -11.20 -22.56
CA LEU D 67 10.63 -11.16 -23.30
C LEU D 67 10.48 -10.96 -24.81
N ARG D 68 9.25 -10.78 -25.29
CA ARG D 68 8.98 -10.60 -26.72
C ARG D 68 9.34 -9.22 -27.24
N ASP D 69 10.45 -9.15 -27.95
CA ASP D 69 10.94 -7.90 -28.51
C ASP D 69 11.28 -6.85 -27.46
N GLU D 70 12.09 -7.25 -26.49
CA GLU D 70 12.55 -6.37 -25.43
C GLU D 70 13.28 -7.16 -24.35
N PHE D 71 14.23 -6.49 -23.69
CA PHE D 71 15.07 -7.08 -22.66
C PHE D 71 14.85 -6.33 -21.35
N PRO D 72 14.59 -7.05 -20.26
CA PRO D 72 14.35 -6.44 -18.96
C PRO D 72 15.57 -5.84 -18.24
N LEU D 73 16.16 -4.82 -18.86
CA LEU D 73 17.31 -4.17 -18.24
C LEU D 73 16.80 -2.85 -17.65
N LEU D 74 16.54 -2.85 -16.34
CA LEU D 74 16.03 -1.67 -15.64
C LEU D 74 16.49 -0.33 -16.19
N THR D 75 15.62 0.68 -16.12
CA THR D 75 15.97 2.00 -16.66
C THR D 75 16.01 3.11 -15.64
N THR D 76 15.24 2.98 -14.56
CA THR D 76 15.20 4.00 -13.51
C THR D 76 16.52 4.08 -12.77
N LYS D 77 17.46 3.27 -13.22
CA LYS D 77 18.81 3.18 -12.64
C LYS D 77 19.67 2.58 -13.75
N ARG D 78 20.98 2.77 -13.67
CA ARG D 78 21.88 2.21 -14.68
C ARG D 78 22.41 0.88 -14.19
N VAL D 79 22.16 -0.17 -14.97
CA VAL D 79 22.62 -1.49 -14.57
C VAL D 79 23.94 -1.85 -15.23
N PHE D 80 24.84 -2.44 -14.46
CA PHE D 80 26.15 -2.85 -14.95
C PHE D 80 26.00 -4.05 -15.89
N TRP D 81 25.45 -3.81 -17.07
CA TRP D 81 25.25 -4.89 -18.03
C TRP D 81 26.51 -5.72 -18.32
N LYS D 82 27.67 -5.08 -18.22
CA LYS D 82 28.93 -5.79 -18.44
C LYS D 82 29.07 -6.97 -17.47
N GLY D 83 28.84 -6.71 -16.18
CA GLY D 83 28.95 -7.73 -15.15
C GLY D 83 27.89 -8.81 -15.33
N VAL D 84 26.70 -8.38 -15.71
CA VAL D 84 25.61 -9.31 -15.95
C VAL D 84 26.11 -10.34 -16.97
N LEU D 85 26.40 -9.88 -18.18
CA LEU D 85 26.88 -10.75 -19.25
C LEU D 85 28.11 -11.59 -18.89
N GLU D 86 29.08 -10.98 -18.24
CA GLU D 86 30.29 -11.71 -17.87
C GLU D 86 30.01 -12.85 -16.88
N GLU D 87 29.16 -12.57 -15.89
CA GLU D 87 28.82 -13.54 -14.86
C GLU D 87 28.14 -14.77 -15.46
N LEU D 88 27.18 -14.57 -16.37
CA LEU D 88 26.48 -15.68 -17.01
C LEU D 88 27.45 -16.50 -17.83
N LEU D 89 28.32 -15.82 -18.58
CA LEU D 89 29.30 -16.53 -19.35
C LEU D 89 30.17 -17.31 -18.37
N TRP D 90 30.45 -16.69 -17.23
CA TRP D 90 31.24 -17.29 -16.16
C TRP D 90 30.58 -18.57 -15.58
N PHE D 91 29.25 -18.55 -15.42
CA PHE D 91 28.48 -19.70 -14.92
C PHE D 91 28.52 -20.88 -15.88
N ILE D 92 28.10 -20.62 -17.13
CA ILE D 92 28.07 -21.67 -18.16
C ILE D 92 29.41 -22.39 -18.21
N LYS D 93 30.47 -21.63 -17.96
CA LYS D 93 31.82 -22.16 -17.97
C LYS D 93 32.01 -23.21 -16.88
N GLY D 94 31.26 -23.07 -15.79
CA GLY D 94 31.36 -24.03 -14.68
C GLY D 94 32.44 -23.66 -13.69
N SER D 95 32.95 -22.43 -13.83
CA SER D 95 34.01 -21.92 -12.99
C SER D 95 33.53 -21.58 -11.58
N THR D 96 34.48 -21.56 -10.65
CA THR D 96 34.17 -21.23 -9.28
C THR D 96 35.21 -20.25 -8.70
N ASN D 97 36.25 -19.90 -9.49
CA ASN D 97 37.30 -18.95 -9.04
C ASN D 97 36.81 -17.52 -9.17
N ALA D 98 36.47 -16.90 -8.04
CA ALA D 98 36.00 -15.54 -8.09
C ALA D 98 37.09 -14.67 -8.69
N LYS D 99 38.27 -15.26 -8.87
CA LYS D 99 39.35 -14.51 -9.46
C LYS D 99 39.13 -14.40 -10.97
N GLU D 100 38.81 -15.52 -11.63
CA GLU D 100 38.58 -15.52 -13.07
C GLU D 100 37.67 -14.39 -13.54
N LEU D 101 36.52 -14.25 -12.88
CA LEU D 101 35.58 -13.21 -13.27
C LEU D 101 36.19 -11.84 -12.97
N SER D 102 37.03 -11.79 -11.95
CA SER D 102 37.68 -10.54 -11.57
C SER D 102 38.64 -10.13 -12.67
N SER D 103 39.28 -11.12 -13.28
CA SER D 103 40.22 -10.90 -14.35
C SER D 103 39.57 -10.15 -15.50
N LYS D 104 38.30 -10.41 -15.75
CA LYS D 104 37.59 -9.74 -16.83
C LYS D 104 37.12 -8.35 -16.42
N GLY D 105 37.21 -8.06 -15.12
CA GLY D 105 36.80 -6.75 -14.64
C GLY D 105 35.44 -6.71 -13.97
N VAL D 106 35.03 -7.85 -13.43
CA VAL D 106 33.75 -7.97 -12.74
C VAL D 106 34.04 -8.40 -11.31
N LYS D 107 34.06 -7.42 -10.42
CA LYS D 107 34.38 -7.67 -9.02
C LYS D 107 33.24 -8.23 -8.15
N ILE D 108 32.01 -8.16 -8.65
CA ILE D 108 30.84 -8.61 -7.91
C ILE D 108 30.98 -9.84 -7.01
N TRP D 109 31.94 -10.72 -7.27
CA TRP D 109 32.06 -11.89 -6.41
C TRP D 109 33.34 -11.99 -5.61
N ASP D 110 34.17 -10.94 -5.63
CA ASP D 110 35.42 -10.98 -4.89
C ASP D 110 35.23 -10.90 -3.37
N ALA D 111 34.11 -10.34 -2.97
CA ALA D 111 33.77 -10.17 -1.56
C ALA D 111 33.63 -11.48 -0.78
N ASN D 112 32.83 -12.41 -1.27
CA ASN D 112 32.61 -13.69 -0.57
C ASN D 112 33.67 -14.73 -0.92
N GLY D 113 34.73 -14.28 -1.58
CA GLY D 113 35.81 -15.19 -1.93
C GLY D 113 37.07 -14.76 -1.22
N SER D 114 37.00 -13.56 -0.65
CA SER D 114 38.12 -12.94 0.07
C SER D 114 38.71 -13.87 1.12
N ARG D 115 39.92 -13.56 1.54
CA ARG D 115 40.62 -14.35 2.55
C ARG D 115 39.90 -14.29 3.90
N ASP D 116 39.44 -13.10 4.27
CA ASP D 116 38.75 -12.91 5.53
C ASP D 116 37.43 -13.68 5.57
N PHE D 117 36.56 -13.37 4.63
CA PHE D 117 35.25 -14.01 4.55
C PHE D 117 35.36 -15.53 4.53
N LEU D 118 36.37 -16.04 3.84
CA LEU D 118 36.55 -17.48 3.75
C LEU D 118 37.03 -18.09 5.07
N ASP D 119 37.88 -17.38 5.79
CA ASP D 119 38.40 -17.90 7.06
C ASP D 119 37.32 -17.92 8.14
N SER D 120 36.39 -16.98 8.06
CA SER D 120 35.31 -16.89 9.04
C SER D 120 34.32 -18.05 8.97
N LEU D 121 34.43 -18.88 7.94
CA LEU D 121 33.54 -20.02 7.78
C LEU D 121 34.34 -21.29 7.99
N GLY D 122 35.59 -21.14 8.43
CA GLY D 122 36.43 -22.29 8.67
C GLY D 122 37.03 -22.89 7.42
N PHE D 123 37.13 -22.09 6.36
CA PHE D 123 37.71 -22.53 5.09
C PHE D 123 39.14 -22.00 5.00
N SER D 124 39.77 -21.88 6.16
CA SER D 124 41.13 -21.36 6.26
C SER D 124 42.23 -22.11 5.51
N THR D 125 41.89 -23.17 4.79
CA THR D 125 42.90 -23.90 4.04
C THR D 125 42.65 -23.80 2.54
N ARG D 126 41.72 -22.92 2.16
CA ARG D 126 41.39 -22.70 0.76
C ARG D 126 42.14 -21.49 0.25
N GLU D 127 42.34 -21.42 -1.05
CA GLU D 127 43.04 -20.29 -1.64
C GLU D 127 41.98 -19.27 -2.05
N GLU D 128 42.27 -17.99 -1.84
CA GLU D 128 41.33 -16.92 -2.16
C GLU D 128 40.60 -17.18 -3.46
N GLY D 129 39.34 -16.76 -3.51
CA GLY D 129 38.55 -16.93 -4.71
C GLY D 129 37.86 -18.25 -4.93
N ASP D 130 37.98 -19.20 -4.00
CA ASP D 130 37.32 -20.50 -4.17
C ASP D 130 35.95 -20.52 -3.49
N LEU D 131 34.94 -20.08 -4.24
CA LEU D 131 33.57 -20.01 -3.77
C LEU D 131 33.00 -21.36 -3.36
N GLY D 132 33.56 -22.43 -3.89
CA GLY D 132 33.07 -23.75 -3.55
C GLY D 132 31.99 -24.23 -4.52
N PRO D 133 31.47 -25.46 -4.32
CA PRO D 133 30.44 -26.05 -5.18
C PRO D 133 29.19 -25.19 -5.38
N VAL D 134 29.35 -24.07 -6.09
CA VAL D 134 28.25 -23.17 -6.35
C VAL D 134 27.80 -23.14 -7.81
N TYR D 135 26.79 -22.31 -8.09
CA TYR D 135 26.20 -22.17 -9.42
C TYR D 135 26.82 -23.01 -10.54
N GLY D 136 27.86 -22.48 -11.18
CA GLY D 136 28.47 -23.20 -12.28
C GLY D 136 28.67 -24.69 -12.11
N PHE D 137 29.31 -25.05 -10.99
CA PHE D 137 29.61 -26.45 -10.68
C PHE D 137 28.37 -27.31 -10.54
N GLN D 138 27.29 -26.72 -10.01
CA GLN D 138 26.03 -27.45 -9.84
C GLN D 138 25.35 -27.65 -11.17
N TRP D 139 25.29 -26.58 -11.96
CA TRP D 139 24.65 -26.62 -13.29
C TRP D 139 25.22 -27.70 -14.21
N ARG D 140 26.54 -27.86 -14.20
CA ARG D 140 27.22 -28.83 -15.08
C ARG D 140 27.71 -30.12 -14.45
N HIS D 141 28.06 -30.11 -13.17
CA HIS D 141 28.58 -31.33 -12.54
C HIS D 141 27.88 -31.64 -11.21
N PHE D 142 26.54 -31.65 -11.21
CA PHE D 142 25.78 -31.90 -9.99
C PHE D 142 26.28 -33.08 -9.17
N GLY D 143 26.18 -34.29 -9.69
CA GLY D 143 26.65 -35.42 -8.90
C GLY D 143 28.05 -35.24 -8.32
N ALA D 144 28.99 -34.86 -9.17
CA ALA D 144 30.41 -34.66 -8.83
C ALA D 144 30.79 -34.39 -7.38
N GLU D 145 31.93 -34.97 -6.99
CA GLU D 145 32.46 -34.78 -5.65
C GLU D 145 33.46 -33.64 -5.70
N TYR D 146 33.10 -32.48 -5.17
CA TYR D 146 33.96 -31.31 -5.18
C TYR D 146 35.22 -31.50 -4.37
N ARG D 147 36.20 -30.65 -4.65
CA ARG D 147 37.48 -30.68 -3.97
C ARG D 147 38.43 -29.73 -4.70
N ASP D 148 38.48 -28.47 -4.27
CA ASP D 148 39.37 -27.49 -4.88
C ASP D 148 38.82 -26.86 -6.17
N MET D 149 38.96 -25.54 -6.28
CA MET D 149 38.45 -24.77 -7.41
C MET D 149 39.20 -24.93 -8.73
N GLU D 150 40.25 -25.75 -8.76
CA GLU D 150 40.99 -25.91 -10.00
C GLU D 150 41.18 -27.34 -10.45
N SER D 151 40.30 -28.24 -10.01
CA SER D 151 40.39 -29.64 -10.39
C SER D 151 39.59 -29.83 -11.66
N ASP D 152 39.89 -30.90 -12.39
CA ASP D 152 39.19 -31.21 -13.63
C ASP D 152 37.94 -32.04 -13.33
N TYR D 153 36.78 -31.44 -13.58
CA TYR D 153 35.51 -32.10 -13.30
C TYR D 153 34.77 -32.53 -14.57
N SER D 154 35.47 -32.52 -15.70
CA SER D 154 34.86 -32.89 -16.97
C SER D 154 34.47 -34.36 -16.97
N GLY D 155 33.36 -34.67 -17.63
CA GLY D 155 32.93 -36.05 -17.70
C GLY D 155 32.22 -36.60 -16.48
N GLN D 156 32.56 -36.09 -15.30
CA GLN D 156 31.89 -36.56 -14.09
C GLN D 156 30.81 -35.56 -13.67
N GLY D 157 29.81 -36.05 -12.93
CA GLY D 157 28.73 -35.18 -12.51
C GLY D 157 27.63 -35.24 -13.56
N VAL D 158 26.52 -34.55 -13.33
CA VAL D 158 25.43 -34.55 -14.29
C VAL D 158 25.16 -33.12 -14.79
N ASP D 159 25.22 -32.95 -16.11
CA ASP D 159 25.03 -31.64 -16.76
C ASP D 159 23.56 -31.26 -16.98
N GLN D 160 23.00 -30.48 -16.06
CA GLN D 160 21.62 -30.07 -16.17
C GLN D 160 21.40 -29.13 -17.35
N LEU D 161 22.29 -28.15 -17.49
CA LEU D 161 22.20 -27.16 -18.55
C LEU D 161 22.02 -27.81 -19.91
N GLN D 162 22.82 -28.82 -20.21
CA GLN D 162 22.71 -29.47 -21.49
C GLN D 162 21.46 -30.35 -21.55
N ARG D 163 21.23 -31.15 -20.51
CA ARG D 163 20.06 -32.03 -20.45
C ARG D 163 18.81 -31.24 -20.82
N VAL D 164 18.72 -30.02 -20.30
CA VAL D 164 17.60 -29.12 -20.54
C VAL D 164 17.43 -28.75 -22.01
N ILE D 165 18.56 -28.43 -22.65
CA ILE D 165 18.60 -28.02 -24.05
C ILE D 165 18.11 -29.13 -24.99
N ASP D 166 18.62 -30.33 -24.80
CA ASP D 166 18.23 -31.47 -25.63
C ASP D 166 16.75 -31.81 -25.48
N THR D 167 16.20 -31.57 -24.31
CA THR D 167 14.80 -31.87 -24.11
C THR D 167 13.95 -30.90 -24.91
N ILE D 168 14.26 -29.61 -24.82
CA ILE D 168 13.53 -28.59 -25.56
C ILE D 168 13.51 -28.96 -27.02
N LYS D 169 14.64 -29.46 -27.50
CA LYS D 169 14.77 -29.86 -28.88
C LYS D 169 13.96 -31.09 -29.25
N THR D 170 14.11 -32.17 -28.49
CA THR D 170 13.39 -33.39 -28.80
C THR D 170 11.96 -33.49 -28.26
N ASN D 171 11.77 -33.17 -26.99
CA ASN D 171 10.44 -33.27 -26.39
C ASN D 171 10.04 -32.02 -25.60
N PRO D 172 9.48 -31.03 -26.32
CA PRO D 172 9.00 -29.72 -25.85
C PRO D 172 7.91 -29.72 -24.78
N ASP D 173 7.03 -30.72 -24.81
CA ASP D 173 5.94 -30.75 -23.86
C ASP D 173 6.30 -31.23 -22.46
N ASP D 174 7.49 -31.81 -22.31
CA ASP D 174 7.94 -32.31 -21.02
C ASP D 174 7.69 -31.31 -19.89
N ARG D 175 7.21 -31.81 -18.75
CA ARG D 175 6.95 -30.92 -17.61
C ARG D 175 8.02 -31.13 -16.53
N ARG D 176 9.21 -31.55 -16.95
CA ARG D 176 10.32 -31.79 -16.04
C ARG D 176 11.62 -31.09 -16.47
N ILE D 177 11.51 -30.03 -17.30
CA ILE D 177 12.70 -29.31 -17.74
C ILE D 177 13.17 -28.41 -16.61
N ILE D 178 13.81 -29.02 -15.62
CA ILE D 178 14.28 -28.28 -14.46
C ILE D 178 15.78 -28.29 -14.31
N MET D 179 16.31 -27.17 -13.86
CA MET D 179 17.74 -27.02 -13.61
C MET D 179 17.77 -26.57 -12.15
N CYS D 180 18.38 -27.38 -11.29
CA CYS D 180 18.43 -27.09 -9.87
C CYS D 180 19.81 -26.89 -9.28
N ALA D 181 20.00 -25.77 -8.59
CA ALA D 181 21.29 -25.44 -7.97
C ALA D 181 21.37 -25.89 -6.51
N TRP D 182 20.23 -25.98 -5.84
CA TRP D 182 20.18 -26.38 -4.45
C TRP D 182 20.55 -27.85 -4.30
N ASN D 183 21.71 -28.09 -3.70
CA ASN D 183 22.18 -29.45 -3.50
C ASN D 183 22.52 -29.65 -2.03
N PRO D 184 21.53 -30.05 -1.22
CA PRO D 184 21.70 -30.28 0.22
C PRO D 184 23.04 -30.83 0.68
N ARG D 185 23.53 -31.87 0.01
CA ARG D 185 24.80 -32.48 0.38
C ARG D 185 25.96 -31.50 0.45
N ASP D 186 26.02 -30.56 -0.50
CA ASP D 186 27.12 -29.59 -0.59
C ASP D 186 27.00 -28.25 0.15
N LEU D 187 25.80 -27.90 0.61
CA LEU D 187 25.58 -26.64 1.33
C LEU D 187 26.71 -26.16 2.23
N PRO D 188 27.24 -27.04 3.08
CA PRO D 188 28.33 -26.72 4.02
C PRO D 188 29.66 -26.32 3.40
N LEU D 189 29.80 -26.57 2.11
CA LEU D 189 31.05 -26.23 1.42
C LEU D 189 30.94 -24.91 0.67
N MET D 190 29.71 -24.48 0.44
CA MET D 190 29.45 -23.24 -0.28
C MET D 190 29.73 -22.02 0.61
N ALA D 191 30.43 -21.04 0.04
CA ALA D 191 30.77 -19.83 0.76
C ALA D 191 29.54 -18.93 0.82
N LEU D 192 28.54 -19.23 0.02
CA LEU D 192 27.32 -18.42 -0.02
C LEU D 192 26.34 -19.11 -0.95
N PRO D 193 25.37 -19.87 -0.38
CA PRO D 193 24.34 -20.63 -1.08
C PRO D 193 23.65 -19.94 -2.25
N PRO D 194 23.09 -20.76 -3.16
CA PRO D 194 22.39 -20.27 -4.34
C PRO D 194 21.16 -19.45 -3.98
N CYS D 195 21.15 -18.17 -4.36
CA CYS D 195 19.99 -17.34 -4.08
C CYS D 195 18.93 -17.72 -5.13
N HIS D 196 19.39 -17.94 -6.36
CA HIS D 196 18.52 -18.39 -7.42
C HIS D 196 18.80 -19.88 -7.34
N ALA D 197 17.85 -20.59 -6.76
CA ALA D 197 17.96 -22.02 -6.50
C ALA D 197 17.38 -22.97 -7.51
N LEU D 198 16.39 -22.53 -8.27
CA LEU D 198 15.82 -23.46 -9.23
C LEU D 198 15.04 -22.72 -10.31
N CYS D 199 15.14 -23.20 -11.55
CA CYS D 199 14.41 -22.58 -12.65
C CYS D 199 13.86 -23.70 -13.54
N GLN D 200 12.76 -23.40 -14.22
CA GLN D 200 12.10 -24.36 -15.08
C GLN D 200 11.64 -23.71 -16.37
N PHE D 201 11.77 -24.45 -17.47
CA PHE D 201 11.39 -23.97 -18.79
C PHE D 201 10.14 -24.65 -19.28
N TYR D 202 9.38 -23.92 -20.06
CA TYR D 202 8.11 -24.38 -20.60
C TYR D 202 8.01 -23.83 -22.02
N VAL D 203 7.60 -24.66 -22.97
CA VAL D 203 7.46 -24.22 -24.36
C VAL D 203 6.06 -24.46 -24.91
N VAL D 204 5.50 -23.43 -25.53
CA VAL D 204 4.19 -23.51 -26.14
C VAL D 204 4.21 -22.66 -27.40
N ASN D 205 3.68 -23.21 -28.48
CA ASN D 205 3.63 -22.50 -29.76
C ASN D 205 4.87 -21.68 -30.05
N SER D 206 5.91 -22.35 -30.53
CA SER D 206 7.17 -21.72 -30.90
C SER D 206 7.91 -20.85 -29.86
N GLU D 207 7.26 -20.46 -28.75
CA GLU D 207 7.96 -19.65 -27.76
C GLU D 207 8.35 -20.36 -26.47
N LEU D 208 9.56 -20.03 -25.99
CA LEU D 208 10.18 -20.59 -24.79
C LEU D 208 10.10 -19.62 -23.61
N SER D 209 9.55 -20.08 -22.50
CA SER D 209 9.42 -19.28 -21.28
C SER D 209 10.24 -19.91 -20.16
N CYS D 210 10.52 -19.11 -19.13
CA CYS D 210 11.30 -19.59 -17.99
C CYS D 210 10.87 -18.98 -16.65
N GLN D 211 10.72 -19.82 -15.64
CA GLN D 211 10.36 -19.35 -14.31
C GLN D 211 11.49 -19.60 -13.31
N LEU D 212 11.69 -18.65 -12.41
CA LEU D 212 12.74 -18.72 -11.41
C LEU D 212 12.22 -18.64 -9.98
N TYR D 213 12.83 -19.46 -9.12
CA TYR D 213 12.49 -19.45 -7.71
C TYR D 213 13.73 -18.94 -7.00
N GLN D 214 13.63 -17.72 -6.47
CA GLN D 214 14.74 -17.08 -5.77
C GLN D 214 14.43 -17.02 -4.26
N ARG D 215 14.95 -17.99 -3.53
CA ARG D 215 14.72 -18.07 -2.09
C ARG D 215 15.04 -16.78 -1.38
N SER D 216 16.05 -16.08 -1.85
CA SER D 216 16.47 -14.83 -1.22
C SER D 216 16.73 -13.72 -2.24
N GLY D 217 16.15 -12.54 -2.00
CA GLY D 217 16.35 -11.45 -2.94
C GLY D 217 16.70 -10.07 -2.38
N ASP D 218 17.90 -9.60 -2.69
CA ASP D 218 18.36 -8.28 -2.28
C ASP D 218 17.78 -7.33 -3.34
N MET D 219 16.58 -6.83 -3.06
CA MET D 219 15.84 -5.93 -3.95
C MET D 219 16.59 -4.76 -4.57
N GLY D 220 17.65 -4.29 -3.91
CA GLY D 220 18.39 -3.15 -4.41
C GLY D 220 19.62 -3.47 -5.27
N LEU D 221 20.30 -4.56 -4.96
CA LEU D 221 21.49 -4.91 -5.72
C LEU D 221 21.33 -6.11 -6.65
N GLY D 222 21.23 -7.29 -6.06
CA GLY D 222 21.13 -8.51 -6.84
C GLY D 222 19.94 -8.75 -7.74
N VAL D 223 18.73 -8.46 -7.26
CA VAL D 223 17.54 -8.71 -8.06
C VAL D 223 17.65 -8.10 -9.47
N PRO D 224 17.84 -6.78 -9.58
CA PRO D 224 17.94 -6.16 -10.91
C PRO D 224 18.91 -6.94 -11.79
N PHE D 225 20.04 -7.34 -11.19
CA PHE D 225 21.07 -8.10 -11.90
C PHE D 225 20.52 -9.47 -12.28
N ASN D 226 19.77 -10.06 -11.35
CA ASN D 226 19.23 -11.40 -11.56
C ASN D 226 18.19 -11.48 -12.67
N ILE D 227 17.31 -10.49 -12.74
CA ILE D 227 16.26 -10.47 -13.74
C ILE D 227 16.86 -10.46 -15.15
N ALA D 228 17.93 -9.71 -15.31
CA ALA D 228 18.61 -9.62 -16.60
C ALA D 228 19.37 -10.89 -16.95
N SER D 229 19.95 -11.53 -15.94
CA SER D 229 20.74 -12.75 -16.16
C SER D 229 19.88 -13.90 -16.66
N TYR D 230 18.65 -14.00 -16.16
CA TYR D 230 17.78 -15.08 -16.63
C TYR D 230 17.09 -14.78 -17.94
N ALA D 231 16.84 -13.51 -18.20
CA ALA D 231 16.24 -13.13 -19.47
C ALA D 231 17.29 -13.43 -20.55
N LEU D 232 18.55 -13.10 -20.26
CA LEU D 232 19.64 -13.36 -21.21
C LEU D 232 19.74 -14.86 -21.46
N LEU D 233 19.84 -15.67 -20.40
CA LEU D 233 19.94 -17.13 -20.54
C LEU D 233 18.79 -17.68 -21.40
N THR D 234 17.60 -17.14 -21.20
CA THR D 234 16.47 -17.57 -22.00
C THR D 234 16.77 -17.25 -23.48
N TYR D 235 17.13 -16.00 -23.78
CA TYR D 235 17.47 -15.62 -25.16
C TYR D 235 18.49 -16.56 -25.77
N MET D 236 19.56 -16.86 -25.04
CA MET D 236 20.60 -17.76 -25.51
C MET D 236 20.04 -19.14 -25.84
N ILE D 237 19.25 -19.69 -24.94
CA ILE D 237 18.64 -21.00 -25.15
C ILE D 237 17.72 -20.99 -26.37
N ALA D 238 16.84 -19.99 -26.44
CA ALA D 238 15.88 -19.86 -27.52
C ALA D 238 16.53 -19.84 -28.90
N HIS D 239 17.70 -19.22 -28.96
CA HIS D 239 18.49 -19.07 -30.19
C HIS D 239 19.07 -20.39 -30.70
N ILE D 240 19.63 -21.18 -29.79
CA ILE D 240 20.23 -22.47 -30.13
C ILE D 240 19.19 -23.53 -30.46
N THR D 241 17.98 -23.36 -29.95
CA THR D 241 16.91 -24.31 -30.18
C THR D 241 15.96 -23.78 -31.24
N GLY D 242 16.18 -22.54 -31.65
CA GLY D 242 15.36 -21.95 -32.68
C GLY D 242 13.94 -21.63 -32.27
N LEU D 243 13.80 -20.97 -31.13
CA LEU D 243 12.47 -20.60 -30.67
C LEU D 243 12.46 -19.11 -30.40
N LYS D 244 11.27 -18.57 -30.09
CA LYS D 244 11.11 -17.16 -29.79
C LYS D 244 10.92 -16.98 -28.27
N PRO D 245 11.76 -16.16 -27.61
CA PRO D 245 11.60 -15.97 -26.17
C PRO D 245 10.19 -15.52 -25.77
N GLY D 246 9.67 -16.10 -24.68
CA GLY D 246 8.34 -15.74 -24.22
C GLY D 246 8.26 -14.89 -22.95
N ASP D 247 8.03 -15.55 -21.82
CA ASP D 247 7.94 -14.86 -20.53
C ASP D 247 8.98 -15.32 -19.52
N PHE D 248 9.37 -14.39 -18.65
CA PHE D 248 10.32 -14.68 -17.57
C PHE D 248 9.52 -14.46 -16.29
N ILE D 249 9.21 -15.54 -15.60
CA ILE D 249 8.44 -15.41 -14.38
C ILE D 249 9.36 -15.45 -13.17
N HIS D 250 9.29 -14.41 -12.34
CA HIS D 250 10.15 -14.28 -11.17
C HIS D 250 9.42 -14.50 -9.85
N THR D 251 9.74 -15.59 -9.16
CA THR D 251 9.07 -15.89 -7.88
C THR D 251 10.01 -15.72 -6.70
N LEU D 252 9.67 -14.82 -5.80
CA LEU D 252 10.50 -14.53 -4.63
C LEU D 252 10.10 -15.27 -3.38
N GLY D 253 11.07 -15.40 -2.49
CA GLY D 253 10.85 -16.01 -1.19
C GLY D 253 10.97 -14.84 -0.21
N ASP D 254 12.14 -14.68 0.40
CA ASP D 254 12.35 -13.59 1.32
C ASP D 254 12.83 -12.39 0.51
N ALA D 255 11.89 -11.59 0.03
CA ALA D 255 12.23 -10.41 -0.74
C ALA D 255 12.45 -9.28 0.26
N HIS D 256 13.71 -8.94 0.51
CA HIS D 256 13.98 -7.89 1.47
C HIS D 256 14.60 -6.62 0.89
N ILE D 257 14.79 -5.62 1.75
CA ILE D 257 15.41 -4.37 1.37
C ILE D 257 16.30 -4.00 2.54
N TYR D 258 17.61 -4.07 2.37
CA TYR D 258 18.47 -3.70 3.48
C TYR D 258 18.16 -2.26 3.86
N LEU D 259 18.12 -2.00 5.17
CA LEU D 259 17.79 -0.68 5.71
C LEU D 259 18.57 0.52 5.18
N ASN D 260 19.84 0.30 4.84
CA ASN D 260 20.71 1.34 4.31
C ASN D 260 20.50 1.53 2.82
N HIS D 261 19.39 0.98 2.31
CA HIS D 261 19.05 1.08 0.91
C HIS D 261 17.76 1.90 0.74
N ILE D 262 17.07 2.12 1.85
CA ILE D 262 15.80 2.85 1.83
C ILE D 262 15.82 4.23 1.20
N GLU D 263 16.79 5.07 1.58
CA GLU D 263 16.90 6.43 1.02
C GLU D 263 17.08 6.32 -0.49
N PRO D 264 18.11 5.58 -0.93
CA PRO D 264 18.38 5.42 -2.36
C PRO D 264 17.16 4.95 -3.16
N LEU D 265 16.65 3.76 -2.82
CA LEU D 265 15.48 3.21 -3.52
C LEU D 265 14.32 4.21 -3.58
N LYS D 266 14.22 5.03 -2.55
CA LYS D 266 13.16 6.03 -2.44
C LYS D 266 13.28 7.10 -3.51
N ILE D 267 14.49 7.29 -4.03
CA ILE D 267 14.74 8.26 -5.10
C ILE D 267 14.33 7.55 -6.38
N GLN D 268 15.00 6.43 -6.65
CA GLN D 268 14.76 5.63 -7.83
C GLN D 268 13.25 5.42 -8.07
N LEU D 269 12.48 5.44 -7.00
CA LEU D 269 11.04 5.25 -7.10
C LEU D 269 10.34 6.46 -7.70
N GLN D 270 11.02 7.60 -7.73
CA GLN D 270 10.41 8.80 -8.27
C GLN D 270 10.88 9.10 -9.69
N ARG D 271 11.46 8.10 -10.35
CA ARG D 271 11.96 8.27 -11.70
C ARG D 271 11.02 7.67 -12.77
N GLU D 272 10.87 8.36 -13.90
CA GLU D 272 10.01 7.89 -15.00
C GLU D 272 10.76 6.82 -15.77
N PRO D 273 10.09 5.72 -16.11
CA PRO D 273 10.76 4.65 -16.86
C PRO D 273 10.69 4.86 -18.37
N ARG D 274 11.82 4.67 -19.04
CA ARG D 274 11.90 4.80 -20.48
C ARG D 274 11.77 3.38 -21.03
N PRO D 275 11.56 3.24 -22.34
CA PRO D 275 11.42 1.93 -22.98
C PRO D 275 12.56 0.95 -22.71
N PHE D 276 12.19 -0.31 -22.48
CA PHE D 276 13.21 -1.34 -22.24
C PHE D 276 14.02 -1.42 -23.51
N PRO D 277 15.34 -1.68 -23.38
CA PRO D 277 16.20 -1.79 -24.57
C PRO D 277 15.90 -3.02 -25.41
N LYS D 278 16.74 -3.27 -26.40
CA LYS D 278 16.59 -4.43 -27.26
C LYS D 278 17.97 -5.07 -27.31
N LEU D 279 18.01 -6.40 -27.28
CA LEU D 279 19.28 -7.10 -27.31
C LEU D 279 19.41 -7.93 -28.57
N ARG D 280 20.57 -7.88 -29.23
CA ARG D 280 20.76 -8.65 -30.45
C ARG D 280 21.95 -9.60 -30.36
N ILE D 281 21.83 -10.72 -31.08
CA ILE D 281 22.90 -11.72 -31.15
C ILE D 281 23.37 -11.66 -32.59
N LEU D 282 24.52 -11.04 -32.80
CA LEU D 282 25.07 -10.86 -34.14
C LEU D 282 25.99 -11.98 -34.62
N ARG D 283 25.42 -13.16 -34.83
CA ARG D 283 26.16 -14.32 -35.28
C ARG D 283 25.50 -15.59 -34.76
N LYS D 284 25.04 -16.45 -35.68
CA LYS D 284 24.37 -17.69 -35.28
C LYS D 284 25.31 -18.71 -34.65
N VAL D 285 25.01 -19.11 -33.42
CA VAL D 285 25.79 -20.09 -32.69
C VAL D 285 24.93 -21.31 -32.35
N GLU D 286 25.52 -22.50 -32.42
CA GLU D 286 24.77 -23.72 -32.14
C GLU D 286 25.21 -24.55 -30.93
N LYS D 287 26.10 -24.00 -30.13
CA LYS D 287 26.58 -24.67 -28.93
C LYS D 287 26.58 -23.58 -27.86
N ILE D 288 25.95 -23.84 -26.71
CA ILE D 288 25.89 -22.82 -25.66
C ILE D 288 27.26 -22.44 -25.13
N ASP D 289 28.27 -23.22 -25.47
CA ASP D 289 29.63 -22.94 -25.02
C ASP D 289 30.43 -22.09 -26.03
N ASP D 290 29.90 -21.92 -27.24
CA ASP D 290 30.57 -21.14 -28.28
C ASP D 290 30.36 -19.64 -28.09
N PHE D 291 29.41 -19.28 -27.25
CA PHE D 291 29.12 -17.87 -27.00
C PHE D 291 30.31 -17.10 -26.46
N LYS D 292 30.50 -15.90 -27.01
CA LYS D 292 31.56 -15.00 -26.60
C LYS D 292 30.88 -13.67 -26.26
N ALA D 293 31.52 -12.85 -25.45
CA ALA D 293 30.92 -11.57 -25.08
C ALA D 293 30.60 -10.67 -26.29
N GLU D 294 31.35 -10.84 -27.38
CA GLU D 294 31.16 -10.03 -28.59
C GLU D 294 29.94 -10.42 -29.41
N ASP D 295 29.33 -11.55 -29.09
CA ASP D 295 28.15 -11.99 -29.81
C ASP D 295 26.90 -11.23 -29.40
N PHE D 296 26.96 -10.53 -28.28
CA PHE D 296 25.81 -9.78 -27.79
C PHE D 296 26.01 -8.29 -27.80
N GLN D 297 24.94 -7.58 -28.15
CA GLN D 297 24.96 -6.12 -28.22
C GLN D 297 23.57 -5.58 -27.86
N ILE D 298 23.54 -4.51 -27.08
CA ILE D 298 22.28 -3.93 -26.69
C ILE D 298 22.01 -2.64 -27.45
N GLU D 299 20.73 -2.37 -27.71
CA GLU D 299 20.33 -1.17 -28.45
C GLU D 299 19.17 -0.45 -27.79
N GLY D 300 19.29 0.86 -27.64
CA GLY D 300 18.20 1.64 -27.06
C GLY D 300 18.17 1.81 -25.55
N TYR D 301 19.35 1.75 -24.92
CA TYR D 301 19.44 1.88 -23.48
C TYR D 301 19.67 3.34 -23.05
N ASN D 302 18.61 3.99 -22.56
CA ASN D 302 18.68 5.38 -22.09
C ASN D 302 18.29 5.40 -20.62
N PRO D 303 19.12 4.79 -19.77
CA PRO D 303 18.81 4.76 -18.34
C PRO D 303 19.01 6.06 -17.61
N HIS D 304 18.34 6.20 -16.46
CA HIS D 304 18.51 7.36 -15.61
C HIS D 304 19.83 7.10 -14.92
N PRO D 305 20.54 8.17 -14.54
CA PRO D 305 21.84 8.04 -13.87
C PRO D 305 21.91 7.00 -12.76
N THR D 306 23.12 6.50 -12.53
CA THR D 306 23.39 5.48 -11.51
C THR D 306 22.94 5.88 -10.12
N ILE D 307 22.83 4.86 -9.25
CA ILE D 307 22.45 5.03 -7.86
C ILE D 307 23.34 4.08 -7.07
N LYS D 308 24.23 4.64 -6.24
CA LYS D 308 25.13 3.80 -5.46
C LYS D 308 24.48 3.26 -4.21
N MET D 309 24.70 1.97 -3.96
CA MET D 309 24.19 1.26 -2.79
C MET D 309 25.25 0.29 -2.32
N GLU D 310 25.54 0.33 -1.03
CA GLU D 310 26.56 -0.53 -0.45
C GLU D 310 26.08 -1.97 -0.29
N MET D 311 27.01 -2.90 -0.49
CA MET D 311 26.71 -4.31 -0.37
C MET D 311 26.83 -4.80 1.07
N ALA D 312 25.85 -5.60 1.50
CA ALA D 312 25.86 -6.17 2.84
C ALA D 312 26.63 -7.49 2.76
N VAL D 313 27.77 -7.56 3.43
CA VAL D 313 28.59 -8.77 3.38
C VAL D 313 28.24 -9.84 4.41
N1 UMP E . -20.92 26.47 -4.92
C2 UMP E . -19.89 25.81 -5.52
N3 UMP E . -18.77 26.54 -5.78
C4 UMP E . -18.65 27.90 -5.56
C5 UMP E . -19.77 28.69 -4.91
C6 UMP E . -20.84 27.79 -4.27
O2 UMP E . -19.97 24.61 -5.80
O4 UMP E . -17.61 28.48 -5.90
C1' UMP E . -22.22 25.85 -4.87
C2' UMP E . -22.36 25.09 -3.56
C3' UMP E . -23.87 24.99 -3.43
C4' UMP E . -24.40 26.38 -3.79
O3' UMP E . -24.25 24.07 -4.45
O4' UMP E . -23.36 26.79 -4.76
C5' UMP E . -24.38 27.30 -2.59
O5' UMP E . -25.44 26.79 -1.76
P UMP E . -25.42 26.98 -0.24
OP1 UMP E . -26.76 26.68 0.28
OP2 UMP E . -24.37 26.05 0.22
OP3 UMP E . -25.12 28.37 0.13
C1 LYA F . -20.52 29.21 -11.54
C2 LYA F . -19.60 28.51 -12.36
C3 LYA F . -20.05 27.90 -13.57
C4 LYA F . -21.43 27.99 -13.98
C5 LYA F . -22.33 28.71 -13.14
C6 LYA F . -21.88 29.31 -11.94
C7 LYA F . -20.04 29.89 -10.22
C8 LYA F . -20.31 29.11 -8.90
C9 LYA F . -21.69 29.40 -8.32
C10 LYA F . -22.17 30.65 -7.92
N11 LYA F . -23.48 30.55 -7.44
C12 LYA F . -23.83 29.23 -7.53
C13 LYA F . -22.72 28.53 -8.08
C14 LYA F . -22.86 26.99 -8.29
O15 LYA F . -21.99 26.28 -8.73
N16 LYA F . -24.06 26.43 -7.93
C17 LYA F . -25.15 27.20 -7.38
N18 LYA F . -25.04 28.49 -7.20
N19 LYA F . -26.31 26.57 -7.06
C20 LYA F . -22.01 27.39 -15.27
O21 LYA F . -23.20 27.52 -15.54
N22 LYA F . -21.16 26.74 -16.08
C23 LYA F . -21.50 26.10 -17.39
C24 LYA F . -21.02 26.93 -18.61
C25 LYA F . -21.74 28.31 -18.84
C26 LYA F . -21.27 29.16 -20.03
O27 LYA F . -21.00 28.61 -21.11
O28 LYA F . -21.18 30.40 -19.87
C29 LYA F . -20.94 24.61 -17.40
O30 LYA F . -21.63 23.64 -17.84
O31 LYA F . -19.77 24.42 -16.96
N1 UMP G . -1.53 20.73 18.05
C2 UMP G . -2.36 19.64 18.02
N3 UMP G . -3.59 19.79 18.59
C4 UMP G . -4.01 20.93 19.24
C5 UMP G . -3.14 22.17 19.32
C6 UMP G . -1.95 22.11 18.35
O2 UMP G . -2.00 18.58 17.50
O4 UMP G . -5.13 20.94 19.77
C1' UMP G . -0.14 20.56 17.73
C2' UMP G . 0.06 20.84 16.25
C3' UMP G . 1.55 21.15 16.21
C4' UMP G . 1.80 22.09 17.39
O3' UMP G . 2.20 19.91 16.46
O4' UMP G . 0.75 21.59 18.32
C5' UMP G . 1.48 23.53 17.03
O5' UMP G . 2.57 23.89 16.14
P UMP G . 2.41 24.98 15.08
OP1 UMP G . 3.75 25.35 14.60
OP2 UMP G . 1.56 24.33 14.06
OP3 UMP G . 1.79 26.19 15.63
C1 LYA H . -2.08 18.61 24.87
C2 LYA H . -2.76 17.37 25.01
C3 LYA H . -2.11 16.26 25.62
C4 LYA H . -0.75 16.36 26.11
C5 LYA H . -0.11 17.61 25.96
C6 LYA H . -0.74 18.71 25.36
C7 LYA H . -2.78 19.83 24.23
C8 LYA H . -2.44 20.11 22.74
C9 LYA H . -1.19 21.00 22.58
C10 LYA H . -1.02 22.29 23.08
N11 LYA H . 0.23 22.79 22.75
C12 LYA H . 0.88 21.80 22.04
C13 LYA H . -0.02 20.70 21.93
C14 LYA H . 0.47 19.44 21.16
O15 LYA H . -0.20 18.43 21.00
N16 LYA H . 1.72 19.49 20.63
C17 LYA H . 2.58 20.65 20.78
N18 LYA H . 2.19 21.71 21.42
N19 LYA H . 3.83 20.62 20.23
C20 LYA H . 0.02 15.22 26.79
O21 LYA H . 1.18 15.42 27.18
N22 LYA H . -0.60 14.05 26.94
C23 LYA H . -0.04 12.83 27.60
C24 LYA H . -0.61 12.60 29.03
C25 LYA H . -0.19 13.65 30.12
C26 LYA H . -0.75 13.45 31.53
O27 LYA H . -0.82 12.30 32.03
O28 LYA H . -1.13 14.47 32.17
C29 LYA H . -0.26 11.58 26.64
O30 LYA H . 0.65 10.72 26.43
O31 LYA H . -1.39 11.46 26.09
N1 UMP I . 1.07 -34.53 -9.76
C2 UMP I . 0.41 -33.71 -8.88
N3 UMP I . 0.72 -33.87 -7.55
C4 UMP I . 1.58 -34.84 -7.07
C5 UMP I . 2.32 -35.77 -8.00
C6 UMP I . 2.27 -35.33 -9.47
O2 UMP I . -0.41 -32.89 -9.27
O4 UMP I . 1.73 -34.93 -5.84
C1' UMP I . 0.60 -34.62 -11.13
C2' UMP I . 1.36 -33.61 -11.97
C3' UMP I . 1.16 -34.20 -13.36
C4' UMP I . 1.41 -35.70 -13.21
O3' UMP I . -0.23 -34.00 -13.65
O4' UMP I . 0.95 -35.88 -11.81
C5' UMP I . 2.90 -36.01 -13.29
O5' UMP I . 3.20 -35.82 -14.69
P UMP I . 4.60 -35.44 -15.15
OP1 UMP I . 4.67 -35.64 -16.61
OP2 UMP I . 4.73 -34.02 -14.74
OP3 UMP I . 5.62 -36.28 -14.54
C1 LYA J . -3.29 -38.87 -6.08
C2 LYA J . -4.19 -38.15 -5.23
C3 LYA J . -5.59 -38.30 -5.40
C4 LYA J . -6.15 -39.17 -6.41
C5 LYA J . -5.23 -39.87 -7.23
C6 LYA J . -3.83 -39.73 -7.08
C7 LYA J . -1.76 -38.73 -5.89
C8 LYA J . -1.04 -37.77 -6.88
C9 LYA J . -0.62 -38.46 -8.19
C10 LYA J . 0.23 -39.55 -8.30
N11 LYA J . 0.38 -39.92 -9.63
C12 LYA J . -0.38 -39.05 -10.38
C13 LYA J . -1.00 -38.15 -9.47
C14 LYA J . -1.93 -37.04 -10.04
O15 LYA J . -2.50 -36.21 -9.37
N16 LYA J . -2.08 -37.03 -11.40
C17 LYA J . -1.43 -37.98 -12.27
N18 LYA J . -0.66 -38.91 -11.79
N19 LYA J . -1.64 -37.91 -13.62
C20 LYA J . -7.64 -39.40 -6.65
O21 LYA J . -8.02 -40.17 -7.55
N22 LYA J . -8.51 -38.75 -5.87
C23 LYA J . -10.00 -38.85 -5.91
C24 LYA J . -10.58 -39.73 -4.77
C25 LYA J . -10.25 -41.26 -4.82
C26 LYA J . -10.79 -42.14 -3.70
O27 LYA J . -11.96 -41.95 -3.26
O28 LYA J . -10.05 -43.05 -3.23
C29 LYA J . -10.61 -37.40 -5.95
O30 LYA J . -11.57 -37.08 -6.72
O31 LYA J . -10.12 -36.53 -5.15
N1 UMP K . 21.47 -12.66 -3.30
C2 UMP K . 20.79 -12.17 -4.39
N3 UMP K . 21.14 -12.68 -5.61
C4 UMP K . 22.18 -13.57 -5.81
C5 UMP K . 22.97 -14.12 -4.65
C6 UMP K . 22.32 -13.86 -3.29
O2 UMP K . 19.90 -11.33 -4.27
O4 UMP K . 22.45 -13.91 -6.96
C1' UMP K . 21.35 -11.97 -2.04
C2' UMP K . 20.23 -12.62 -1.23
C3' UMP K . 20.60 -12.19 0.17
C4' UMP K . 22.11 -12.42 0.28
O3' UMP K . 20.34 -10.78 0.21
O4' UMP K . 22.50 -12.18 -1.12
C5' UMP K . 22.42 -13.86 0.65
O5' UMP K . 22.01 -13.94 2.03
P UMP K . 21.58 -15.27 2.65
OP1 UMP K . 21.57 -15.12 4.11
OP2 UMP K . 20.24 -15.51 2.07
OP3 UMP K . 22.51 -16.35 2.34
C1 LYA L . 26.28 -8.79 -6.96
C2 LYA L . 25.69 -8.07 -8.03
C3 LYA L . 25.80 -6.66 -8.07
C4 LYA L . 26.50 -5.92 -7.05
C5 LYA L . 27.08 -6.68 -5.99
C6 LYA L . 26.98 -8.08 -5.95
C7 LYA L . 26.18 -10.34 -6.92
C8 LYA L . 25.09 -10.94 -5.98
C9 LYA L . 25.56 -11.12 -4.54
C10 LYA L . 26.64 -11.91 -4.13
N11 LYA L . 26.81 -11.83 -2.74
C12 LYA L . 25.84 -10.98 -2.28
C13 LYA L . 25.07 -10.56 -3.39
C14 LYA L . 23.89 -9.58 -3.14
O15 LYA L . 23.15 -9.14 -4.01
N16 LYA L . 23.67 -9.21 -1.85
C17 LYA L . 24.49 -9.69 -0.75
N18 LYA L . 25.48 -10.50 -0.96
N19 LYA L . 24.21 -9.28 0.52
C20 LYA L . 26.69 -4.40 -7.01
O21 LYA L . 27.31 -3.87 -6.08
N22 LYA L . 26.16 -3.68 -8.02
C23 LYA L . 26.24 -2.20 -8.19
C24 LYA L . 27.28 -1.79 -9.28
C25 LYA L . 28.79 -2.05 -8.94
C26 LYA L . 29.82 -1.67 -10.00
O27 LYA L . 29.69 -0.60 -10.64
O28 LYA L . 30.79 -2.44 -10.20
C29 LYA L . 24.79 -1.64 -8.48
O30 LYA L . 24.36 -0.58 -7.91
O31 LYA L . 24.06 -2.27 -9.30
#